data_8YF1
#
_entry.id   8YF1
#
_cell.length_a   1.00
_cell.length_b   1.00
_cell.length_c   1.00
_cell.angle_alpha   90.00
_cell.angle_beta   90.00
_cell.angle_gamma   90.00
#
_symmetry.space_group_name_H-M   'P 1'
#
loop_
_entity.id
_entity.type
_entity.pdbx_description
1 polymer 'Synaptic vesicle glycoprotein 2A'
2 non-polymer (2S)-2-[(4R)-2-oxidanylidene-4-propyl-pyrrolidin-1-yl]butanamide
#
_entity_poly.entity_id   1
_entity_poly.type   'polypeptide(L)'
_entity_poly.pdbx_seq_one_letter_code
;MEEGFRDRAAFIRGAKDIAKEVKKHAAKKVVKGLDRVQDEYSRRSYSRFEEEDDDDDFPAPSDGYYRGEGTQDEEEGGAS
SDATEGHDEDDEIYEGEYQGIPRAESGGKGERMADGAPLAGVRGGLSDGEGPPGGRGEAQRRKEREELAQQYEAILRECG
HGRFQWTLYFVLGLALMADGVEVFVVGFVLPSAEKDMCLSDSNKGMLGLIVYLGMMVGAFLWGGLADRLGRRQCLLISLS
VNSVFAFFSSFVQGYGTFLFCRLLSGVGIGGSIPIVFSYFSEFLAQEKRGEHLSWLCMFWMIGGVYAAAMAWAIIPHYGW
SFQMGSAYQFHSWRVFVLVCAFPSVFAIGALTTQPESPRFFLENGKHDEAWMVLKQVHDTNMRAKGHPERVFSVTHIKTI
HQEDELIEIQSDTGTWYQRWGVRALSLGGQVWGNFLSCFGPEYRRITLMMMGVWFTMSFSYYGLTVWFPDMIRHLQAVDY
ASRTKVFPGERVEHVTFNFTLENQIHRGGQYFNDKFIGLRLKSVSFEDSLFEECYFEDVTSSNTFFRNCTFINTVFYNTD
LFEYKFVNSRLINSTFLHNKEGCPLDVTGTGEGAYMVYFVSFLGTLAVLPGNIVSALLMDKIGRLRMLAGSSVMSCVSCF
FLSFGNSESAMIALLCLFGGVSIASWNALDVLTVELYPSDKRTTAFGFLNALCKLAAVLGISIFTSFVGITKAAPILFAS
AALALGSSLALKLPSRLEEELRRRTEPGSLEVLFQ
;
_entity_poly.pdbx_strand_id   B,A
#
loop_
_chem_comp.id
_chem_comp.type
_chem_comp.name
_chem_comp.formula
VLX non-polymer (2S)-2-[(4R)-2-oxidanylidene-4-propyl-pyrrolidin-1-yl]butanamide 'C11 H20 N2 O2'
#
# COMPACT_ATOMS: atom_id res chain seq x y z
N PRO A 133 15.20 33.02 53.25
CA PRO A 133 15.60 31.74 53.86
C PRO A 133 15.74 30.62 52.83
N GLY A 134 16.48 29.57 53.19
CA GLY A 134 16.70 28.46 52.30
C GLY A 134 15.45 27.63 52.06
N GLY A 135 14.90 27.06 53.14
CA GLY A 135 13.68 26.27 53.02
C GLY A 135 12.51 27.09 52.52
N ARG A 136 12.34 28.31 53.05
CA ARG A 136 11.28 29.18 52.56
C ARG A 136 11.51 29.55 51.10
N GLY A 137 12.77 29.77 50.71
CA GLY A 137 13.06 30.10 49.32
C GLY A 137 12.72 28.97 48.36
N GLU A 138 13.11 27.74 48.72
CA GLU A 138 12.81 26.61 47.85
C GLU A 138 11.31 26.33 47.81
N ALA A 139 10.62 26.50 48.94
CA ALA A 139 9.16 26.35 48.94
C ALA A 139 8.51 27.39 48.05
N GLN A 140 8.99 28.64 48.11
CA GLN A 140 8.45 29.68 47.24
C GLN A 140 8.70 29.36 45.77
N ARG A 141 9.89 28.85 45.46
CA ARG A 141 10.18 28.49 44.07
C ARG A 141 9.27 27.38 43.58
N ARG A 142 9.06 26.35 44.41
CA ARG A 142 8.16 25.26 44.03
C ARG A 142 6.74 25.75 43.83
N LYS A 143 6.26 26.62 44.73
CA LYS A 143 4.88 27.09 44.61
C LYS A 143 4.71 28.08 43.45
N GLU A 144 5.78 28.79 43.08
CA GLU A 144 5.74 29.68 41.93
C GLU A 144 5.96 28.95 40.61
N ARG A 145 6.45 27.71 40.64
CA ARG A 145 6.54 26.92 39.42
C ARG A 145 5.16 26.78 38.76
N GLU A 146 4.14 26.47 39.56
CA GLU A 146 2.79 26.36 39.02
C GLU A 146 2.30 27.69 38.47
N GLU A 147 2.61 28.79 39.17
CA GLU A 147 2.18 30.11 38.70
C GLU A 147 2.82 30.46 37.37
N LEU A 148 4.12 30.20 37.21
CA LEU A 148 4.78 30.52 35.95
C LEU A 148 4.29 29.62 34.82
N ALA A 149 4.04 28.34 35.13
CA ALA A 149 3.47 27.44 34.12
C ALA A 149 2.10 27.93 33.67
N GLN A 150 1.26 28.34 34.62
CA GLN A 150 -0.06 28.87 34.28
C GLN A 150 0.06 30.12 33.42
N GLN A 151 0.97 31.03 33.79
CA GLN A 151 1.15 32.25 33.02
C GLN A 151 1.58 31.94 31.60
N TYR A 152 2.55 31.04 31.43
CA TYR A 152 3.04 30.75 30.09
C TYR A 152 2.00 30.03 29.25
N GLU A 153 1.25 29.09 29.85
CA GLU A 153 0.22 28.42 29.07
C GLU A 153 -0.90 29.39 28.69
N ALA A 154 -1.23 30.35 29.56
CA ALA A 154 -2.19 31.37 29.19
C ALA A 154 -1.68 32.21 28.02
N ILE A 155 -0.40 32.58 28.06
CA ILE A 155 0.18 33.35 26.95
C ILE A 155 0.10 32.56 25.66
N LEU A 156 0.43 31.27 25.71
CA LEU A 156 0.34 30.43 24.52
C LEU A 156 -1.11 30.36 24.01
N ARG A 157 -2.07 30.18 24.92
CA ARG A 157 -3.47 30.11 24.53
C ARG A 157 -3.97 31.42 23.95
N GLU A 158 -3.38 32.55 24.32
CA GLU A 158 -3.83 33.84 23.81
C GLU A 158 -3.03 34.33 22.62
N CYS A 159 -1.91 33.68 22.29
CA CYS A 159 -1.09 34.13 21.17
C CYS A 159 -1.68 33.75 19.82
N GLY A 160 -2.30 32.59 19.70
CA GLY A 160 -2.89 32.14 18.45
C GLY A 160 -2.26 30.86 17.95
N HIS A 161 -2.83 30.35 16.86
CA HIS A 161 -2.41 29.11 16.26
C HIS A 161 -2.82 29.10 14.80
N GLY A 162 -2.01 28.47 13.95
CA GLY A 162 -2.38 28.30 12.56
C GLY A 162 -1.31 28.57 11.53
N ARG A 163 -0.46 29.57 11.75
CA ARG A 163 0.63 29.86 10.81
C ARG A 163 1.99 29.57 11.41
N PHE A 164 2.35 30.22 12.52
CA PHE A 164 3.66 29.97 13.11
C PHE A 164 3.78 28.53 13.61
N GLN A 165 2.72 28.01 14.23
CA GLN A 165 2.78 26.64 14.75
C GLN A 165 2.96 25.64 13.62
N TRP A 166 2.25 25.82 12.50
CA TRP A 166 2.37 24.86 11.40
C TRP A 166 3.70 24.99 10.68
N THR A 167 4.20 26.22 10.49
CA THR A 167 5.53 26.37 9.91
C THR A 167 6.61 25.75 10.79
N LEU A 168 6.50 25.95 12.10
CA LEU A 168 7.43 25.33 13.04
C LEU A 168 7.33 23.81 12.96
N TYR A 169 6.10 23.28 12.88
CA TYR A 169 5.93 21.84 12.76
C TYR A 169 6.59 21.32 11.50
N PHE A 170 6.42 22.01 10.38
CA PHE A 170 7.01 21.56 9.13
C PHE A 170 8.53 21.58 9.19
N VAL A 171 9.11 22.66 9.73
CA VAL A 171 10.57 22.77 9.77
C VAL A 171 11.16 21.73 10.72
N LEU A 172 10.60 21.61 11.92
CA LEU A 172 11.11 20.62 12.87
C LEU A 172 10.85 19.18 12.42
N GLY A 173 9.76 18.94 11.68
CA GLY A 173 9.58 17.63 11.09
C GLY A 173 10.60 17.33 10.01
N LEU A 174 10.94 18.33 9.21
CA LEU A 174 12.01 18.14 8.23
C LEU A 174 13.34 17.91 8.93
N ALA A 175 13.49 18.43 10.15
CA ALA A 175 14.70 18.14 10.92
C ALA A 175 14.67 16.71 11.47
N LEU A 176 13.51 16.23 11.90
CA LEU A 176 13.36 14.86 12.35
C LEU A 176 13.51 13.86 11.20
N MET A 177 13.26 14.32 9.97
CA MET A 177 13.52 13.51 8.78
C MET A 177 14.97 13.03 8.76
N ALA A 178 15.89 13.85 9.26
CA ALA A 178 17.29 13.44 9.33
C ALA A 178 17.50 12.27 10.27
N ASP A 179 16.86 12.31 11.45
CA ASP A 179 16.96 11.18 12.36
C ASP A 179 16.36 9.93 11.75
N GLY A 180 15.24 10.10 11.04
CA GLY A 180 14.63 8.96 10.37
C GLY A 180 15.56 8.31 9.36
N VAL A 181 16.18 9.13 8.50
CA VAL A 181 17.06 8.57 7.48
C VAL A 181 18.29 7.92 8.12
N GLU A 182 18.82 8.55 9.18
CA GLU A 182 20.01 7.98 9.82
C GLU A 182 19.70 6.66 10.48
N VAL A 183 18.55 6.56 11.17
CA VAL A 183 18.23 5.30 11.84
C VAL A 183 17.94 4.21 10.83
N PHE A 184 17.28 4.54 9.72
CA PHE A 184 17.09 3.54 8.68
C PHE A 184 18.43 3.07 8.12
N VAL A 185 19.34 4.01 7.84
CA VAL A 185 20.63 3.63 7.26
C VAL A 185 21.36 2.67 8.20
N VAL A 186 21.48 3.04 9.48
CA VAL A 186 22.25 2.22 10.39
C VAL A 186 21.56 0.88 10.64
N GLY A 187 20.22 0.86 10.67
CA GLY A 187 19.52 -0.39 10.93
C GLY A 187 19.60 -1.36 9.78
N PHE A 188 19.23 -0.92 8.58
CA PHE A 188 19.03 -1.81 7.45
C PHE A 188 20.19 -1.83 6.46
N VAL A 189 20.78 -0.67 6.14
CA VAL A 189 21.74 -0.59 5.05
C VAL A 189 23.17 -0.75 5.55
N LEU A 190 23.49 -0.10 6.68
CA LEU A 190 24.88 -0.04 7.14
C LEU A 190 25.51 -1.40 7.41
N PRO A 191 24.90 -2.32 8.17
CA PRO A 191 25.65 -3.52 8.57
C PRO A 191 26.02 -4.45 7.42
N SER A 192 25.38 -4.33 6.26
CA SER A 192 25.63 -5.29 5.18
C SER A 192 26.85 -4.92 4.35
N ALA A 193 26.85 -3.70 3.78
CA ALA A 193 27.87 -3.29 2.83
C ALA A 193 29.18 -3.04 3.56
N GLU A 194 30.15 -3.95 3.39
CA GLU A 194 31.45 -3.83 4.03
C GLU A 194 32.63 -4.07 3.10
N LYS A 195 32.42 -4.60 1.90
CA LYS A 195 33.53 -5.02 1.06
C LYS A 195 34.32 -3.83 0.54
N ASP A 196 33.61 -2.82 0.00
CA ASP A 196 34.31 -1.65 -0.54
C ASP A 196 35.01 -0.87 0.55
N MET A 197 34.42 -0.80 1.74
CA MET A 197 34.95 0.04 2.80
C MET A 197 36.11 -0.60 3.55
N CYS A 198 36.45 -1.85 3.23
CA CYS A 198 37.60 -2.55 3.82
C CYS A 198 37.44 -2.76 5.33
N LEU A 199 36.30 -3.34 5.69
CA LEU A 199 36.02 -3.69 7.08
C LEU A 199 36.49 -5.11 7.38
N SER A 200 36.59 -5.42 8.67
CA SER A 200 37.02 -6.72 9.13
C SER A 200 35.82 -7.63 9.38
N ASP A 201 36.08 -8.85 9.86
CA ASP A 201 35.01 -9.81 10.07
C ASP A 201 34.12 -9.42 11.24
N SER A 202 34.71 -9.05 12.37
CA SER A 202 33.93 -8.66 13.53
C SER A 202 33.34 -7.27 13.39
N ASN A 203 34.05 -6.36 12.72
CA ASN A 203 33.55 -5.00 12.56
C ASN A 203 32.28 -4.96 11.72
N LYS A 204 32.11 -5.90 10.79
CA LYS A 204 30.91 -5.93 9.96
C LYS A 204 29.65 -6.16 10.78
N GLY A 205 29.78 -6.72 11.98
CA GLY A 205 28.66 -6.86 12.88
C GLY A 205 28.68 -5.83 14.00
N MET A 206 29.87 -5.32 14.31
CA MET A 206 30.02 -4.34 15.37
C MET A 206 29.65 -2.92 14.94
N LEU A 207 29.54 -2.66 13.63
CA LEU A 207 29.31 -1.29 13.16
C LEU A 207 27.99 -0.73 13.68
N GLY A 208 26.92 -1.51 13.58
CA GLY A 208 25.63 -1.02 14.04
C GLY A 208 25.60 -0.78 15.54
N LEU A 209 26.20 -1.69 16.31
CA LEU A 209 26.28 -1.52 17.75
C LEU A 209 27.04 -0.24 18.11
N ILE A 210 28.16 0.01 17.43
CA ILE A 210 28.94 1.20 17.74
C ILE A 210 28.19 2.46 17.35
N VAL A 211 27.46 2.43 16.23
CA VAL A 211 26.71 3.62 15.82
C VAL A 211 25.58 3.90 16.80
N TYR A 212 24.91 2.85 17.30
CA TYR A 212 23.93 3.07 18.35
C TYR A 212 24.55 3.59 19.64
N LEU A 213 25.76 3.15 19.98
CA LEU A 213 26.44 3.75 21.13
C LEU A 213 26.70 5.23 20.92
N GLY A 214 27.13 5.60 19.71
CA GLY A 214 27.35 7.01 19.42
C GLY A 214 26.07 7.82 19.48
N MET A 215 24.99 7.29 18.91
CA MET A 215 23.70 7.96 18.98
C MET A 215 23.20 8.06 20.42
N MET A 216 23.51 7.05 21.23
CA MET A 216 23.22 7.07 22.66
C MET A 216 23.86 8.29 23.32
N VAL A 217 25.19 8.36 23.25
CA VAL A 217 25.89 9.44 23.93
C VAL A 217 25.51 10.79 23.34
N GLY A 218 25.21 10.83 22.04
CA GLY A 218 24.77 12.09 21.45
C GLY A 218 23.43 12.54 21.97
N ALA A 219 22.47 11.62 22.05
CA ALA A 219 21.16 11.96 22.59
C ALA A 219 21.29 12.46 24.02
N PHE A 220 22.07 11.75 24.84
CA PHE A 220 22.27 12.17 26.22
C PHE A 220 22.89 13.56 26.28
N LEU A 221 23.96 13.78 25.53
CA LEU A 221 24.70 15.04 25.60
C LEU A 221 23.84 16.20 25.13
N TRP A 222 23.17 16.07 23.98
CA TRP A 222 22.41 17.18 23.45
C TRP A 222 21.14 17.43 24.28
N GLY A 223 20.51 16.37 24.77
CA GLY A 223 19.38 16.56 25.66
C GLY A 223 19.76 17.31 26.92
N GLY A 224 20.90 16.95 27.52
CA GLY A 224 21.38 17.69 28.68
C GLY A 224 21.73 19.13 28.34
N LEU A 225 22.38 19.34 27.19
CA LEU A 225 22.91 20.67 26.87
C LEU A 225 21.80 21.64 26.44
N ALA A 226 20.71 21.13 25.88
CA ALA A 226 19.67 22.01 25.36
C ALA A 226 18.97 22.82 26.46
N ASP A 227 19.14 22.46 27.73
CA ASP A 227 18.53 23.20 28.82
C ASP A 227 19.41 24.30 29.37
N ARG A 228 20.59 24.51 28.80
CA ARG A 228 21.43 25.63 29.20
C ARG A 228 21.90 26.46 28.02
N LEU A 229 22.22 25.84 26.88
CA LEU A 229 22.61 26.61 25.70
C LEU A 229 21.42 27.32 25.09
N GLY A 230 20.30 26.63 24.96
CA GLY A 230 19.10 27.18 24.36
C GLY A 230 18.35 26.10 23.60
N ARG A 231 17.29 26.53 22.92
CA ARG A 231 16.48 25.61 22.13
C ARG A 231 16.99 25.49 20.70
N ARG A 232 17.07 26.61 19.98
CA ARG A 232 17.50 26.59 18.58
C ARG A 232 19.00 26.38 18.42
N GLN A 233 19.80 26.88 19.37
CA GLN A 233 21.25 26.76 19.23
C GLN A 233 21.70 25.31 19.21
N CYS A 234 21.19 24.50 20.15
CA CYS A 234 21.60 23.11 20.22
C CYS A 234 21.09 22.32 19.03
N LEU A 235 19.85 22.60 18.59
CA LEU A 235 19.34 21.93 17.39
C LEU A 235 20.18 22.27 16.17
N LEU A 236 20.56 23.55 16.03
CA LEU A 236 21.40 23.96 14.91
C LEU A 236 22.75 23.28 14.95
N ILE A 237 23.39 23.23 16.12
CA ILE A 237 24.72 22.63 16.19
C ILE A 237 24.64 21.13 15.97
N SER A 238 23.57 20.50 16.42
CA SER A 238 23.41 19.05 16.26
C SER A 238 23.17 18.69 14.80
N LEU A 239 22.36 19.49 14.10
CA LEU A 239 22.15 19.23 12.69
C LEU A 239 23.36 19.61 11.85
N SER A 240 24.12 20.61 12.28
CA SER A 240 25.36 20.94 11.58
C SER A 240 26.37 19.80 11.70
N VAL A 241 26.49 19.21 12.88
CA VAL A 241 27.36 18.05 13.04
C VAL A 241 26.87 16.91 12.15
N ASN A 242 25.57 16.65 12.15
CA ASN A 242 25.01 15.62 11.27
C ASN A 242 25.41 15.85 9.83
N SER A 243 25.15 17.05 9.31
CA SER A 243 25.42 17.34 7.91
C SER A 243 26.91 17.21 7.59
N VAL A 244 27.76 17.87 8.38
CA VAL A 244 29.18 17.92 8.07
C VAL A 244 29.78 16.52 8.13
N PHE A 245 29.48 15.77 9.18
CA PHE A 245 30.12 14.47 9.29
C PHE A 245 29.45 13.40 8.43
N ALA A 246 28.21 13.60 8.00
CA ALA A 246 27.66 12.71 6.98
C ALA A 246 28.35 12.94 5.64
N PHE A 247 28.61 14.20 5.29
CA PHE A 247 29.39 14.48 4.09
C PHE A 247 30.79 13.87 4.20
N PHE A 248 31.44 14.04 5.35
CA PHE A 248 32.77 13.50 5.54
C PHE A 248 32.77 11.98 5.47
N SER A 249 31.71 11.35 5.96
CA SER A 249 31.57 9.89 5.84
C SER A 249 31.36 9.48 4.40
N SER A 250 30.65 10.31 3.62
CA SER A 250 30.48 10.03 2.20
C SER A 250 31.77 10.22 1.43
N PHE A 251 32.71 11.03 1.94
CA PHE A 251 33.95 11.32 1.25
C PHE A 251 35.17 10.68 1.91
N VAL A 252 34.99 9.62 2.69
CA VAL A 252 36.07 9.07 3.49
C VAL A 252 36.46 7.69 2.95
N GLN A 253 37.71 7.30 3.21
CA GLN A 253 38.22 5.98 2.91
C GLN A 253 38.85 5.40 4.17
N GLY A 254 38.76 4.08 4.31
CA GLY A 254 39.33 3.41 5.46
C GLY A 254 38.31 3.09 6.53
N TYR A 255 38.39 1.88 7.10
CA TYR A 255 37.31 1.40 7.96
C TYR A 255 37.27 2.14 9.29
N GLY A 256 38.42 2.39 9.90
CA GLY A 256 38.43 3.07 11.20
C GLY A 256 37.94 4.51 11.10
N THR A 257 38.40 5.24 10.08
CA THR A 257 37.99 6.64 9.93
C THR A 257 36.51 6.74 9.60
N PHE A 258 36.01 5.85 8.74
CA PHE A 258 34.58 5.82 8.46
C PHE A 258 33.78 5.47 9.71
N LEU A 259 34.29 4.53 10.50
CA LEU A 259 33.62 4.15 11.75
C LEU A 259 33.51 5.35 12.68
N PHE A 260 34.60 6.09 12.86
CA PHE A 260 34.56 7.26 13.74
C PHE A 260 33.69 8.37 13.16
N CYS A 261 33.70 8.52 11.83
CA CYS A 261 32.88 9.55 11.20
C CYS A 261 31.39 9.26 11.39
N ARG A 262 30.99 8.01 11.20
CA ARG A 262 29.60 7.65 11.47
C ARG A 262 29.28 7.69 12.97
N LEU A 263 30.28 7.44 13.82
CA LEU A 263 30.09 7.61 15.25
C LEU A 263 29.74 9.04 15.60
N LEU A 264 30.49 10.00 15.03
CA LEU A 264 30.20 11.41 15.29
C LEU A 264 28.90 11.84 14.61
N SER A 265 28.56 11.26 13.47
CA SER A 265 27.26 11.53 12.86
C SER A 265 26.13 11.07 13.78
N GLY A 266 26.26 9.89 14.36
CA GLY A 266 25.27 9.42 15.32
C GLY A 266 25.21 10.28 16.56
N VAL A 267 26.37 10.76 17.02
CA VAL A 267 26.39 11.68 18.15
C VAL A 267 25.62 12.95 17.83
N GLY A 268 25.82 13.48 16.62
CA GLY A 268 25.10 14.68 16.23
C GLY A 268 23.60 14.45 16.09
N ILE A 269 23.21 13.28 15.58
CA ILE A 269 21.79 13.06 15.30
C ILE A 269 21.02 12.53 16.51
N GLY A 270 21.70 11.99 17.52
CA GLY A 270 20.98 11.44 18.67
C GLY A 270 20.14 12.47 19.38
N GLY A 271 20.68 13.66 19.58
CA GLY A 271 19.96 14.71 20.26
C GLY A 271 19.10 15.54 19.33
N SER A 272 18.51 14.90 18.33
CA SER A 272 17.63 15.62 17.40
C SER A 272 16.16 15.42 17.69
N ILE A 273 15.76 14.28 18.23
CA ILE A 273 14.37 14.04 18.61
C ILE A 273 14.03 14.68 19.97
N PRO A 274 14.88 14.62 21.01
CA PRO A 274 14.48 15.29 22.26
C PRO A 274 14.37 16.80 22.09
N ILE A 275 15.33 17.39 21.38
CA ILE A 275 15.30 18.84 21.18
C ILE A 275 14.12 19.23 20.31
N VAL A 276 13.78 18.42 19.30
CA VAL A 276 12.66 18.79 18.45
C VAL A 276 11.35 18.74 19.24
N PHE A 277 11.16 17.68 20.05
CA PHE A 277 9.93 17.63 20.84
C PHE A 277 9.86 18.76 21.86
N SER A 278 10.96 19.05 22.55
CA SER A 278 10.93 20.12 23.55
C SER A 278 10.66 21.47 22.90
N TYR A 279 11.41 21.80 21.85
CA TYR A 279 11.26 23.09 21.19
C TYR A 279 9.88 23.23 20.57
N PHE A 280 9.30 22.14 20.07
CA PHE A 280 7.99 22.22 19.47
C PHE A 280 6.88 22.31 20.51
N SER A 281 7.02 21.60 21.63
CA SER A 281 6.02 21.65 22.68
C SER A 281 6.06 22.95 23.47
N GLU A 282 7.05 23.80 23.23
CA GLU A 282 7.12 24.99 24.03
C GLU A 282 6.36 26.02 23.34
N PHE A 283 5.80 25.70 22.22
CA PHE A 283 5.02 26.64 21.43
C PHE A 283 3.54 26.27 21.33
N LEU A 284 3.07 25.29 22.10
CA LEU A 284 1.70 24.82 21.99
C LEU A 284 1.01 24.83 23.34
N ALA A 285 -0.31 25.02 23.32
CA ALA A 285 -1.11 25.08 24.53
C ALA A 285 -1.26 23.70 25.16
N GLN A 286 -1.93 23.67 26.31
CA GLN A 286 -2.08 22.42 27.06
C GLN A 286 -2.91 21.41 26.30
N GLU A 287 -4.02 21.84 25.69
CA GLU A 287 -4.90 20.90 25.00
C GLU A 287 -4.42 20.61 23.58
N LYS A 288 -3.68 21.53 22.98
CA LYS A 288 -3.34 21.47 21.57
C LYS A 288 -2.06 20.70 21.28
N ARG A 289 -1.35 20.23 22.31
CA ARG A 289 -0.09 19.55 22.11
C ARG A 289 -0.27 18.26 21.32
N GLY A 290 -1.32 17.50 21.62
CA GLY A 290 -1.48 16.19 21.02
C GLY A 290 -1.59 16.22 19.51
N GLU A 291 -2.39 17.13 18.98
CA GLU A 291 -2.63 17.09 17.53
C GLU A 291 -1.45 17.61 16.70
N HIS A 292 -0.29 17.82 17.27
CA HIS A 292 0.95 18.08 16.54
C HIS A 292 2.06 17.14 16.95
N LEU A 293 2.19 16.84 18.24
CA LEU A 293 3.15 15.84 18.67
C LEU A 293 2.78 14.45 18.19
N SER A 294 1.52 14.23 17.82
CA SER A 294 1.15 12.98 17.17
C SER A 294 1.58 12.97 15.71
N TRP A 295 1.56 14.13 15.05
CA TRP A 295 1.85 14.20 13.63
C TRP A 295 3.32 14.38 13.31
N LEU A 296 4.17 14.61 14.31
CA LEU A 296 5.61 14.52 14.06
C LEU A 296 6.00 13.14 13.54
N CYS A 297 5.23 12.11 13.89
CA CYS A 297 5.43 10.79 13.33
C CYS A 297 5.32 10.79 11.81
N MET A 298 4.50 11.68 11.26
CA MET A 298 4.39 11.79 9.81
C MET A 298 5.75 12.07 9.19
N PHE A 299 6.48 13.04 9.74
CA PHE A 299 7.80 13.34 9.20
C PHE A 299 8.83 12.28 9.54
N TRP A 300 8.72 11.64 10.71
CA TRP A 300 9.66 10.54 10.98
C TRP A 300 9.54 9.44 9.93
N MET A 301 8.31 9.02 9.63
CA MET A 301 8.13 8.02 8.59
C MET A 301 8.36 8.56 7.19
N ILE A 302 8.16 9.85 6.95
CA ILE A 302 8.56 10.42 5.67
C ILE A 302 10.06 10.29 5.48
N GLY A 303 10.83 10.49 6.56
CA GLY A 303 12.26 10.29 6.48
C GLY A 303 12.63 8.84 6.24
N GLY A 304 11.98 7.93 6.96
CA GLY A 304 12.22 6.50 6.70
C GLY A 304 11.94 6.13 5.25
N VAL A 305 10.80 6.60 4.73
CA VAL A 305 10.42 6.31 3.35
C VAL A 305 11.42 6.91 2.38
N TYR A 306 11.82 8.16 2.60
CA TYR A 306 12.78 8.80 1.71
C TYR A 306 14.10 8.04 1.68
N ALA A 307 14.61 7.68 2.86
CA ALA A 307 15.88 6.96 2.91
C ALA A 307 15.77 5.61 2.22
N ALA A 308 14.69 4.87 2.48
CA ALA A 308 14.57 3.54 1.89
C ALA A 308 14.39 3.61 0.38
N ALA A 309 13.53 4.50 -0.10
CA ALA A 309 13.32 4.64 -1.54
C ALA A 309 14.58 5.09 -2.23
N MET A 310 15.32 6.03 -1.63
CA MET A 310 16.50 6.56 -2.29
C MET A 310 17.61 5.51 -2.31
N ALA A 311 17.71 4.70 -1.25
CA ALA A 311 18.63 3.57 -1.26
C ALA A 311 18.27 2.60 -2.37
N TRP A 312 16.99 2.22 -2.46
CA TRP A 312 16.56 1.32 -3.52
C TRP A 312 16.84 1.90 -4.90
N ALA A 313 16.81 3.23 -5.02
CA ALA A 313 17.07 3.87 -6.30
C ALA A 313 18.56 3.94 -6.63
N ILE A 314 19.44 4.06 -5.65
CA ILE A 314 20.87 4.25 -5.90
C ILE A 314 21.66 2.96 -5.76
N ILE A 315 21.41 2.19 -4.70
CA ILE A 315 22.30 1.07 -4.37
C ILE A 315 22.49 0.09 -5.53
N PRO A 316 21.45 -0.35 -6.23
CA PRO A 316 21.70 -1.23 -7.40
C PRO A 316 22.35 -0.49 -8.56
N HIS A 317 21.87 0.70 -8.90
CA HIS A 317 22.40 1.44 -10.04
C HIS A 317 23.84 1.86 -9.80
N TYR A 318 24.61 1.94 -10.89
CA TYR A 318 26.02 2.30 -10.82
C TYR A 318 26.37 3.61 -11.52
N GLY A 319 25.53 4.09 -12.44
CA GLY A 319 25.84 5.26 -13.24
C GLY A 319 25.53 6.60 -12.62
N TRP A 320 24.98 6.63 -11.40
CA TRP A 320 24.64 7.89 -10.77
C TRP A 320 25.87 8.66 -10.31
N SER A 321 27.03 8.02 -10.24
CA SER A 321 28.25 8.63 -9.72
C SER A 321 29.33 8.74 -10.80
N PHE A 322 28.93 9.10 -12.02
CA PHE A 322 29.90 9.29 -13.09
C PHE A 322 30.77 10.49 -12.80
N GLN A 323 32.08 10.28 -12.74
CA GLN A 323 33.04 11.34 -12.49
C GLN A 323 34.34 11.01 -13.20
N MET A 324 35.07 12.04 -13.61
CA MET A 324 36.26 11.89 -14.40
C MET A 324 37.44 12.58 -13.72
N GLY A 325 38.65 12.10 -14.05
CA GLY A 325 39.87 12.64 -13.50
C GLY A 325 40.47 11.84 -12.36
N SER A 326 39.72 10.90 -11.80
CA SER A 326 40.19 10.06 -10.70
C SER A 326 40.14 8.59 -11.10
N ALA A 327 41.22 7.87 -10.81
CA ALA A 327 41.28 6.46 -11.16
C ALA A 327 40.43 5.61 -10.22
N TYR A 328 40.27 6.04 -8.97
CA TYR A 328 39.51 5.27 -8.00
C TYR A 328 38.03 5.21 -8.40
N GLN A 329 37.48 4.00 -8.43
CA GLN A 329 36.08 3.77 -8.79
C GLN A 329 35.35 3.31 -7.54
N PHE A 330 34.85 4.27 -6.76
CA PHE A 330 34.06 3.95 -5.59
C PHE A 330 32.67 3.45 -6.00
N HIS A 331 32.09 2.62 -5.15
CA HIS A 331 30.75 2.12 -5.39
C HIS A 331 29.73 3.25 -5.30
N SER A 332 28.50 2.95 -5.70
CA SER A 332 27.47 3.98 -5.77
C SER A 332 26.81 4.27 -4.43
N TRP A 333 27.05 3.45 -3.40
CA TRP A 333 26.48 3.76 -2.09
C TRP A 333 27.09 5.01 -1.47
N ARG A 334 28.23 5.47 -1.98
CA ARG A 334 28.76 6.75 -1.53
C ARG A 334 27.78 7.88 -1.84
N VAL A 335 27.19 7.87 -3.04
CA VAL A 335 26.18 8.87 -3.37
C VAL A 335 24.95 8.68 -2.49
N PHE A 336 24.62 7.45 -2.11
CA PHE A 336 23.49 7.21 -1.21
C PHE A 336 23.74 7.87 0.15
N VAL A 337 24.92 7.66 0.72
CA VAL A 337 25.23 8.29 2.00
C VAL A 337 25.27 9.80 1.86
N LEU A 338 25.76 10.29 0.72
CA LEU A 338 25.82 11.74 0.50
C LEU A 338 24.42 12.35 0.43
N VAL A 339 23.49 11.66 -0.24
CA VAL A 339 22.15 12.23 -0.39
C VAL A 339 21.31 12.02 0.85
N CYS A 340 21.68 11.08 1.73
CA CYS A 340 21.02 11.00 3.03
C CYS A 340 21.31 12.21 3.90
N ALA A 341 22.38 12.95 3.61
CA ALA A 341 22.74 14.12 4.40
C ALA A 341 22.00 15.38 3.98
N PHE A 342 21.31 15.36 2.84
CA PHE A 342 20.62 16.56 2.38
C PHE A 342 19.45 16.98 3.26
N PRO A 343 18.68 16.09 3.88
CA PRO A 343 17.66 16.56 4.83
C PRO A 343 18.23 17.40 5.95
N SER A 344 19.41 17.05 6.47
CA SER A 344 20.03 17.87 7.50
C SER A 344 20.37 19.26 6.98
N VAL A 345 20.88 19.33 5.74
CA VAL A 345 21.22 20.63 5.15
C VAL A 345 19.96 21.47 4.97
N PHE A 346 18.87 20.86 4.51
CA PHE A 346 17.62 21.61 4.34
C PHE A 346 17.08 22.08 5.68
N ALA A 347 17.17 21.24 6.72
CA ALA A 347 16.71 21.65 8.04
C ALA A 347 17.55 22.80 8.58
N ILE A 348 18.87 22.75 8.38
CA ILE A 348 19.73 23.85 8.79
C ILE A 348 19.35 25.13 8.05
N GLY A 349 19.12 25.03 6.74
CA GLY A 349 18.77 26.19 5.96
C GLY A 349 17.40 26.75 6.26
N ALA A 350 16.51 25.93 6.83
CA ALA A 350 15.17 26.40 7.17
C ALA A 350 15.01 26.79 8.62
N LEU A 351 15.93 26.39 9.50
CA LEU A 351 15.82 26.69 10.92
C LEU A 351 16.26 28.10 11.28
N THR A 352 16.85 28.84 10.33
CA THR A 352 17.32 30.18 10.64
C THR A 352 16.17 31.14 10.91
N THR A 353 15.05 30.98 10.18
CA THR A 353 13.94 31.91 10.34
C THR A 353 13.22 31.71 11.68
N GLN A 354 13.13 30.48 12.17
CA GLN A 354 12.42 30.22 13.41
C GLN A 354 13.24 30.70 14.59
N PRO A 355 12.71 31.58 15.43
CA PRO A 355 13.46 32.05 16.61
C PRO A 355 13.42 31.02 17.73
N GLU A 356 14.34 31.21 18.68
CA GLU A 356 14.37 30.35 19.86
C GLU A 356 13.10 30.53 20.67
N SER A 357 12.63 29.45 21.27
CA SER A 357 11.37 29.47 22.00
C SER A 357 11.46 30.44 23.18
N PRO A 358 10.46 31.30 23.37
CA PRO A 358 10.55 32.31 24.42
C PRO A 358 10.57 31.75 25.83
N ARG A 359 10.12 30.51 26.04
CA ARG A 359 10.10 29.97 27.40
C ARG A 359 11.52 29.82 27.96
N PHE A 360 12.46 29.42 27.10
CA PHE A 360 13.87 29.41 27.51
C PHE A 360 14.36 30.81 27.84
N PHE A 361 13.93 31.81 27.07
CA PHE A 361 14.30 33.19 27.36
C PHE A 361 13.79 33.60 28.74
N LEU A 362 12.54 33.25 29.06
CA LEU A 362 11.98 33.58 30.36
C LEU A 362 12.70 32.85 31.48
N GLU A 363 13.03 31.57 31.27
CA GLU A 363 13.69 30.79 32.31
C GLU A 363 15.10 31.30 32.56
N ASN A 364 15.79 31.75 31.51
CA ASN A 364 17.12 32.31 31.67
C ASN A 364 17.07 33.59 32.51
N GLY A 365 16.10 34.45 32.27
CA GLY A 365 15.95 35.66 33.06
C GLY A 365 15.96 36.93 32.23
N LYS A 366 15.77 36.83 30.92
CA LYS A 366 15.75 37.98 30.03
C LYS A 366 14.41 38.04 29.31
N HIS A 367 13.85 39.24 29.23
CA HIS A 367 12.47 39.43 28.79
C HIS A 367 12.33 40.03 27.40
N ASP A 368 13.17 41.00 27.03
CA ASP A 368 12.91 41.79 25.82
C ASP A 368 12.90 40.92 24.58
N GLU A 369 13.84 39.98 24.48
CA GLU A 369 13.87 39.09 23.32
C GLU A 369 12.65 38.19 23.28
N ALA A 370 12.19 37.72 24.45
CA ALA A 370 10.97 36.92 24.50
C ALA A 370 9.77 37.70 24.00
N TRP A 371 9.65 38.96 24.42
CA TRP A 371 8.55 39.79 23.94
C TRP A 371 8.68 40.07 22.46
N MET A 372 9.90 40.26 21.96
CA MET A 372 10.11 40.33 20.51
C MET A 372 9.52 39.13 19.82
N VAL A 373 9.89 37.94 20.27
CA VAL A 373 9.47 36.71 19.59
C VAL A 373 7.95 36.53 19.68
N LEU A 374 7.39 36.79 20.87
CA LEU A 374 5.95 36.64 21.04
C LEU A 374 5.18 37.61 20.14
N LYS A 375 5.60 38.88 20.10
CA LYS A 375 4.89 39.83 19.27
C LYS A 375 5.05 39.52 17.79
N GLN A 376 6.24 39.07 17.38
CA GLN A 376 6.45 38.73 15.97
C GLN A 376 5.59 37.55 15.56
N VAL A 377 5.51 36.51 16.38
CA VAL A 377 4.68 35.36 16.01
C VAL A 377 3.20 35.73 16.02
N HIS A 378 2.78 36.58 16.97
CA HIS A 378 1.39 37.03 16.97
C HIS A 378 1.06 37.83 15.71
N ASP A 379 1.98 38.71 15.30
CA ASP A 379 1.76 39.49 14.09
C ASP A 379 1.75 38.59 12.85
N THR A 380 2.62 37.58 12.83
CA THR A 380 2.64 36.64 11.71
C THR A 380 1.34 35.85 11.63
N ASN A 381 0.81 35.43 12.77
CA ASN A 381 -0.37 34.57 12.81
C ASN A 381 -1.68 35.36 12.82
N MET A 382 -1.63 36.69 12.92
CA MET A 382 -2.84 37.48 12.87
C MET A 382 -3.57 37.35 11.53
N ARG A 383 -2.83 37.03 10.46
CA ARG A 383 -3.46 36.93 9.15
C ARG A 383 -4.44 35.77 9.05
N ALA A 384 -4.19 34.68 9.79
CA ALA A 384 -4.99 33.47 9.62
C ALA A 384 -6.38 33.63 10.23
N LYS A 385 -6.48 34.26 11.40
CA LYS A 385 -7.74 34.33 12.13
C LYS A 385 -7.93 35.75 12.62
N GLY A 386 -8.91 35.95 13.49
CA GLY A 386 -9.15 37.25 14.09
C GLY A 386 -8.61 37.33 15.51
N HIS A 387 -7.47 37.98 15.70
CA HIS A 387 -6.82 38.10 16.99
C HIS A 387 -6.76 39.55 17.42
N PRO A 388 -7.35 39.92 18.56
CA PRO A 388 -7.26 41.31 19.03
C PRO A 388 -5.89 41.62 19.62
N GLU A 389 -4.92 41.91 18.75
CA GLU A 389 -3.56 42.19 19.19
C GLU A 389 -3.40 43.55 19.84
N ARG A 390 -4.44 44.39 19.82
CA ARG A 390 -4.32 45.74 20.35
C ARG A 390 -3.98 45.73 21.84
N VAL A 391 -4.59 44.83 22.60
CA VAL A 391 -4.34 44.74 24.03
C VAL A 391 -3.54 43.50 24.42
N PHE A 392 -3.51 42.45 23.58
CA PHE A 392 -2.77 41.25 23.93
C PHE A 392 -1.26 41.51 23.92
N SER A 393 -0.79 42.38 23.03
CA SER A 393 0.63 42.70 22.98
C SER A 393 1.07 43.49 24.22
N VAL A 394 0.12 44.14 24.90
CA VAL A 394 0.47 44.97 26.05
C VAL A 394 0.93 44.11 27.22
N THR A 395 0.19 43.05 27.52
CA THR A 395 0.48 42.24 28.71
C THR A 395 1.74 41.40 28.55
N HIS A 396 2.17 41.13 27.31
CA HIS A 396 3.37 40.35 27.10
C HIS A 396 4.63 41.14 27.45
N ILE A 397 4.52 42.46 27.57
CA ILE A 397 5.65 43.26 28.04
C ILE A 397 5.91 43.00 29.52
N LYS A 398 4.86 42.96 30.33
CA LYS A 398 4.97 42.90 31.78
C LYS A 398 4.63 41.54 32.36
N THR A 399 4.43 40.51 31.53
CA THR A 399 4.21 39.18 32.06
C THR A 399 5.41 38.67 32.88
N ILE A 400 6.60 39.23 32.65
CA ILE A 400 7.78 38.81 33.41
C ILE A 400 7.92 39.55 34.74
N HIS A 401 7.12 40.61 34.96
CA HIS A 401 7.19 41.31 36.24
C HIS A 401 6.82 40.39 37.39
N GLN A 402 5.76 39.60 37.22
CA GLN A 402 5.34 38.64 38.23
C GLN A 402 6.04 37.29 38.12
N GLU A 403 6.80 37.08 37.05
CA GLU A 403 7.52 35.81 36.82
C GLU A 403 9.01 36.12 36.75
N ASP A 404 9.68 36.04 37.90
CA ASP A 404 11.11 36.29 37.95
C ASP A 404 11.90 35.08 37.45
N THR A 415 41.90 34.37 28.73
CA THR A 415 41.91 34.48 27.28
C THR A 415 40.58 34.02 26.69
N TRP A 416 40.45 34.12 25.37
CA TRP A 416 39.21 33.69 24.72
C TRP A 416 39.03 32.18 24.83
N TYR A 417 40.09 31.40 24.59
CA TYR A 417 39.97 29.95 24.74
C TYR A 417 39.80 29.56 26.19
N GLN A 418 40.45 30.28 27.10
CA GLN A 418 40.21 30.05 28.52
C GLN A 418 38.77 30.36 28.89
N ARG A 419 38.21 31.43 28.33
CA ARG A 419 36.80 31.76 28.55
C ARG A 419 35.90 30.65 28.02
N TRP A 420 36.22 30.10 26.84
CA TRP A 420 35.42 29.01 26.30
C TRP A 420 35.51 27.76 27.17
N GLY A 421 36.70 27.47 27.69
CA GLY A 421 36.85 26.33 28.59
C GLY A 421 36.08 26.50 29.89
N VAL A 422 36.11 27.71 30.45
CA VAL A 422 35.34 27.99 31.65
C VAL A 422 33.85 27.84 31.37
N ARG A 423 33.40 28.37 30.23
CA ARG A 423 32.02 28.18 29.78
C ARG A 423 31.67 26.70 29.72
N ALA A 424 32.54 25.90 29.10
CA ALA A 424 32.24 24.48 28.91
C ALA A 424 32.15 23.76 30.25
N LEU A 425 33.10 24.00 31.15
CA LEU A 425 33.08 23.32 32.44
C LEU A 425 31.87 23.74 33.28
N SER A 426 31.56 25.04 33.29
CA SER A 426 30.40 25.52 34.04
C SER A 426 29.11 24.94 33.49
N LEU A 427 28.97 24.92 32.15
CA LEU A 427 27.77 24.37 31.55
C LEU A 427 27.65 22.87 31.83
N GLY A 428 28.77 22.15 31.77
CA GLY A 428 28.74 20.73 32.09
C GLY A 428 28.31 20.46 33.52
N GLY A 429 28.86 21.22 34.47
CA GLY A 429 28.44 21.07 35.86
C GLY A 429 26.98 21.42 36.07
N GLN A 430 26.52 22.50 35.45
CA GLN A 430 25.13 22.90 35.59
C GLN A 430 24.18 21.88 34.97
N VAL A 431 24.57 21.29 33.83
CA VAL A 431 23.75 20.27 33.19
C VAL A 431 23.71 19.01 34.04
N TRP A 432 24.85 18.61 34.61
CA TRP A 432 24.87 17.45 35.49
C TRP A 432 23.97 17.67 36.70
N GLY A 433 24.05 18.86 37.31
CA GLY A 433 23.17 19.15 38.43
C GLY A 433 21.71 19.19 38.05
N ASN A 434 21.41 19.75 36.87
CA ASN A 434 20.03 19.78 36.39
C ASN A 434 19.47 18.38 36.20
N PHE A 435 20.27 17.48 35.61
CA PHE A 435 19.83 16.10 35.46
C PHE A 435 19.68 15.41 36.81
N LEU A 436 20.63 15.64 37.73
CA LEU A 436 20.54 15.04 39.05
C LEU A 436 19.32 15.51 39.82
N SER A 437 18.83 16.71 39.49
CA SER A 437 17.59 17.18 40.11
C SER A 437 16.41 16.30 39.76
N CYS A 438 16.40 15.72 38.55
CA CYS A 438 15.29 14.86 38.15
C CYS A 438 15.18 13.63 39.03
N PHE A 439 16.31 13.01 39.37
CA PHE A 439 16.29 11.87 40.28
C PHE A 439 16.01 12.26 41.72
N GLY A 440 15.94 13.54 42.04
CA GLY A 440 15.57 13.99 43.36
C GLY A 440 14.16 13.56 43.69
N PRO A 441 13.79 13.59 44.97
CA PRO A 441 12.45 13.14 45.38
C PRO A 441 11.32 13.94 44.77
N GLU A 442 11.60 15.14 44.25
CA GLU A 442 10.55 15.96 43.65
C GLU A 442 9.95 15.30 42.43
N TYR A 443 10.71 14.43 41.75
CA TYR A 443 10.23 13.74 40.55
C TYR A 443 10.64 12.27 40.54
N ARG A 444 10.94 11.69 41.71
CA ARG A 444 11.54 10.36 41.75
C ARG A 444 10.59 9.30 41.20
N ARG A 445 9.36 9.26 41.71
CA ARG A 445 8.43 8.19 41.37
C ARG A 445 8.11 8.20 39.87
N ILE A 446 7.84 9.39 39.33
CA ILE A 446 7.48 9.49 37.92
C ILE A 446 8.68 9.15 37.04
N THR A 447 9.88 9.55 37.46
CA THR A 447 11.07 9.22 36.68
C THR A 447 11.33 7.72 36.65
N LEU A 448 11.16 7.04 37.80
CA LEU A 448 11.33 5.59 37.80
C LEU A 448 10.28 4.89 36.95
N MET A 449 9.01 5.30 37.06
CA MET A 449 8.00 4.70 36.19
C MET A 449 8.29 4.96 34.72
N MET A 450 8.86 6.13 34.41
CA MET A 450 9.14 6.44 33.02
C MET A 450 10.31 5.62 32.50
N MET A 451 11.35 5.43 33.32
CA MET A 451 12.44 4.56 32.92
C MET A 451 11.94 3.13 32.71
N GLY A 452 11.04 2.66 33.57
CA GLY A 452 10.47 1.33 33.38
C GLY A 452 9.72 1.20 32.08
N VAL A 453 8.86 2.18 31.77
CA VAL A 453 8.09 2.10 30.53
C VAL A 453 8.98 2.31 29.30
N TRP A 454 10.13 2.97 29.45
CA TRP A 454 11.06 3.07 28.34
C TRP A 454 11.83 1.77 28.11
N PHE A 455 12.14 1.03 29.18
CA PHE A 455 12.60 -0.35 29.00
C PHE A 455 11.55 -1.20 28.30
N THR A 456 10.31 -1.19 28.82
CA THR A 456 9.27 -2.05 28.26
C THR A 456 8.98 -1.71 26.80
N MET A 457 8.92 -0.42 26.48
CA MET A 457 8.52 0.02 25.15
C MET A 457 9.75 0.19 24.25
N SER A 458 10.56 -0.86 24.19
CA SER A 458 11.77 -0.84 23.36
C SER A 458 11.99 -2.11 22.56
N PHE A 459 11.33 -3.23 22.89
CA PHE A 459 11.47 -4.43 22.08
C PHE A 459 10.88 -4.24 20.70
N SER A 460 9.91 -3.34 20.55
CA SER A 460 9.41 -3.03 19.21
C SER A 460 10.50 -2.38 18.37
N TYR A 461 11.28 -1.48 18.97
CA TYR A 461 12.42 -0.88 18.27
C TYR A 461 13.44 -1.95 17.90
N TYR A 462 13.74 -2.84 18.83
CA TYR A 462 14.67 -3.95 18.57
C TYR A 462 14.19 -4.80 17.39
N GLY A 463 12.91 -5.16 17.41
CA GLY A 463 12.30 -5.92 16.34
C GLY A 463 12.47 -5.22 15.01
N LEU A 464 11.87 -4.03 14.89
CA LEU A 464 11.90 -3.29 13.63
C LEU A 464 13.31 -2.99 13.16
N THR A 465 14.29 -3.01 14.07
CA THR A 465 15.66 -2.71 13.67
C THR A 465 16.42 -3.93 13.17
N VAL A 466 16.41 -5.04 13.93
CA VAL A 466 17.28 -6.17 13.64
C VAL A 466 16.49 -7.43 13.28
N TRP A 467 15.33 -7.66 13.92
CA TRP A 467 14.63 -8.93 13.76
C TRP A 467 14.08 -9.08 12.35
N PHE A 468 13.18 -8.17 11.97
CA PHE A 468 12.54 -8.27 10.66
C PHE A 468 13.51 -8.20 9.49
N PRO A 469 14.54 -7.34 9.48
CA PRO A 469 15.50 -7.41 8.36
C PRO A 469 16.15 -8.76 8.19
N ASP A 470 16.41 -9.48 9.28
CA ASP A 470 17.00 -10.81 9.17
C ASP A 470 16.09 -11.74 8.36
N MET A 471 14.82 -11.83 8.77
CA MET A 471 13.88 -12.70 8.07
C MET A 471 13.67 -12.23 6.64
N ILE A 472 13.61 -10.92 6.43
CA ILE A 472 13.38 -10.39 5.09
C ILE A 472 14.54 -10.75 4.16
N ARG A 473 15.78 -10.56 4.62
CA ARG A 473 16.91 -10.88 3.76
C ARG A 473 17.03 -12.38 3.54
N HIS A 474 16.68 -13.19 4.55
CA HIS A 474 16.66 -14.63 4.35
C HIS A 474 15.62 -15.04 3.31
N LEU A 475 14.44 -14.42 3.36
CA LEU A 475 13.42 -14.71 2.36
C LEU A 475 13.87 -14.31 0.97
N GLN A 476 14.49 -13.13 0.84
CA GLN A 476 14.99 -12.71 -0.47
C GLN A 476 16.08 -13.66 -0.98
N ALA A 477 16.98 -14.08 -0.10
CA ALA A 477 18.05 -15.00 -0.50
C ALA A 477 17.48 -16.34 -0.96
N VAL A 478 16.52 -16.89 -0.21
CA VAL A 478 15.96 -18.18 -0.62
C VAL A 478 15.13 -18.03 -1.90
N ASP A 479 14.48 -16.87 -2.09
CA ASP A 479 13.79 -16.61 -3.34
C ASP A 479 14.76 -16.61 -4.52
N TYR A 480 15.91 -15.93 -4.36
CA TYR A 480 16.91 -15.92 -5.42
C TYR A 480 17.47 -17.32 -5.67
N ALA A 481 17.69 -18.09 -4.59
CA ALA A 481 18.19 -19.45 -4.75
C ALA A 481 17.19 -20.32 -5.50
N SER A 482 15.90 -20.20 -5.19
CA SER A 482 14.89 -20.96 -5.91
C SER A 482 14.77 -20.51 -7.36
N ARG A 483 14.92 -19.22 -7.62
CA ARG A 483 14.80 -18.71 -8.99
C ARG A 483 15.89 -19.28 -9.89
N THR A 484 17.12 -19.37 -9.39
CA THR A 484 18.21 -19.94 -10.17
C THR A 484 18.16 -21.47 -10.12
N LYS A 485 18.85 -22.09 -11.06
CA LYS A 485 18.88 -23.55 -11.17
C LYS A 485 20.33 -24.01 -11.27
N VAL A 486 20.55 -25.27 -10.89
CA VAL A 486 21.89 -25.83 -10.93
C VAL A 486 22.38 -25.95 -12.37
N PHE A 487 23.65 -25.64 -12.59
CA PHE A 487 24.27 -25.69 -13.91
C PHE A 487 25.53 -26.53 -13.82
N PRO A 488 25.39 -27.86 -13.71
CA PRO A 488 26.58 -28.73 -13.68
C PRO A 488 27.38 -28.70 -14.98
N GLY A 489 26.78 -28.26 -16.08
CA GLY A 489 27.45 -28.24 -17.36
C GLY A 489 26.53 -28.67 -18.49
N GLU A 490 26.43 -27.83 -19.52
CA GLU A 490 25.54 -28.10 -20.65
C GLU A 490 26.29 -28.14 -21.98
N ARG A 491 27.61 -28.21 -21.96
CA ARG A 491 28.39 -28.20 -23.19
C ARG A 491 28.25 -29.52 -23.93
N VAL A 492 28.34 -29.44 -25.26
CA VAL A 492 28.25 -30.59 -26.14
C VAL A 492 29.38 -30.47 -27.17
N GLU A 493 30.02 -31.59 -27.48
CA GLU A 493 31.12 -31.58 -28.44
C GLU A 493 30.60 -31.30 -29.84
N HIS A 494 31.44 -30.58 -30.61
CA HIS A 494 31.22 -30.30 -32.03
C HIS A 494 29.81 -29.76 -32.31
N VAL A 495 29.39 -28.79 -31.49
CA VAL A 495 28.13 -28.10 -31.71
C VAL A 495 28.39 -26.60 -31.56
N THR A 496 27.52 -25.81 -32.19
CA THR A 496 27.59 -24.34 -32.11
C THR A 496 26.99 -23.83 -30.80
N PHE A 497 27.63 -24.23 -29.70
CA PHE A 497 27.18 -23.89 -28.35
C PHE A 497 27.50 -22.42 -28.06
N ASN A 498 26.77 -21.54 -28.74
CA ASN A 498 26.91 -20.10 -28.57
C ASN A 498 25.90 -19.53 -27.59
N PHE A 499 25.06 -20.36 -26.99
CA PHE A 499 24.03 -19.89 -26.08
C PHE A 499 24.65 -19.29 -24.82
N THR A 500 24.06 -18.19 -24.34
CA THR A 500 24.54 -17.50 -23.15
C THR A 500 23.88 -18.08 -21.92
N LEU A 501 24.68 -18.41 -20.91
CA LEU A 501 24.21 -18.99 -19.66
C LEU A 501 24.49 -18.03 -18.52
N GLU A 502 23.48 -17.77 -17.69
CA GLU A 502 23.61 -16.88 -16.55
C GLU A 502 23.78 -17.67 -15.27
N ASN A 503 24.50 -17.08 -14.31
CA ASN A 503 24.78 -17.70 -13.01
C ASN A 503 25.48 -19.04 -13.18
N GLN A 504 26.67 -18.99 -13.76
CA GLN A 504 27.48 -20.19 -13.99
C GLN A 504 28.04 -20.67 -12.67
N ILE A 505 27.52 -21.80 -12.19
CA ILE A 505 27.95 -22.38 -10.91
C ILE A 505 28.48 -23.78 -11.15
N HIS A 506 29.10 -23.99 -12.31
CA HIS A 506 29.60 -25.30 -12.68
C HIS A 506 30.66 -25.79 -11.70
N ARG A 507 30.54 -27.06 -11.29
CA ARG A 507 31.49 -27.69 -10.39
C ARG A 507 31.83 -29.06 -10.95
N GLY A 508 33.09 -29.26 -11.33
CA GLY A 508 33.53 -30.52 -11.91
C GLY A 508 33.24 -30.69 -13.38
N GLY A 509 32.63 -29.70 -14.02
CA GLY A 509 32.34 -29.78 -15.44
C GLY A 509 33.46 -29.23 -16.30
N GLN A 510 34.63 -29.86 -16.23
CA GLN A 510 35.76 -29.41 -17.02
C GLN A 510 35.53 -29.65 -18.50
N TYR A 511 35.91 -28.68 -19.33
CA TYR A 511 35.76 -28.82 -20.76
C TYR A 511 36.83 -29.77 -21.31
N PHE A 512 36.40 -30.75 -22.10
CA PHE A 512 37.31 -31.73 -22.69
C PHE A 512 37.80 -31.19 -24.03
N ASN A 513 38.76 -30.28 -23.95
CA ASN A 513 39.37 -29.65 -25.13
C ASN A 513 38.31 -28.97 -26.00
N ASP A 514 37.34 -28.32 -25.35
CA ASP A 514 36.25 -27.66 -26.05
C ASP A 514 36.66 -26.25 -26.45
N LYS A 515 36.50 -25.93 -27.72
CA LYS A 515 36.84 -24.61 -28.26
C LYS A 515 35.62 -24.04 -28.96
N PHE A 516 35.31 -22.78 -28.66
CA PHE A 516 34.18 -22.09 -29.24
C PHE A 516 34.60 -20.69 -29.67
N ILE A 517 33.90 -20.16 -30.67
CA ILE A 517 34.17 -18.83 -31.21
C ILE A 517 32.90 -18.00 -31.10
N GLY A 518 33.04 -16.76 -30.63
CA GLY A 518 31.90 -15.89 -30.43
C GLY A 518 30.97 -16.34 -29.32
N LEU A 519 31.52 -16.83 -28.21
CA LEU A 519 30.74 -17.27 -27.08
C LEU A 519 30.82 -16.25 -25.96
N ARG A 520 29.67 -15.88 -25.40
CA ARG A 520 29.58 -14.87 -24.35
C ARG A 520 29.32 -15.55 -23.02
N LEU A 521 30.10 -15.18 -22.01
CA LEU A 521 29.97 -15.73 -20.67
C LEU A 521 29.65 -14.59 -19.69
N LYS A 522 28.61 -14.78 -18.90
CA LYS A 522 28.20 -13.80 -17.90
C LYS A 522 28.02 -14.50 -16.55
N SER A 523 28.32 -13.76 -15.48
CA SER A 523 28.26 -14.28 -14.12
C SER A 523 29.12 -15.53 -13.98
N VAL A 524 30.38 -15.42 -14.41
CA VAL A 524 31.30 -16.55 -14.40
C VAL A 524 31.78 -16.80 -12.98
N SER A 525 31.61 -18.04 -12.52
CA SER A 525 32.06 -18.42 -11.17
C SER A 525 32.42 -19.90 -11.22
N PHE A 526 33.71 -20.19 -11.34
CA PHE A 526 34.23 -21.55 -11.43
C PHE A 526 35.07 -21.87 -10.21
N GLU A 527 34.94 -23.12 -9.73
CA GLU A 527 35.68 -23.59 -8.56
C GLU A 527 36.33 -24.91 -8.93
N ASP A 528 37.66 -24.92 -9.02
CA ASP A 528 38.44 -26.11 -9.37
C ASP A 528 37.97 -26.70 -10.70
N SER A 529 37.69 -25.82 -11.66
CA SER A 529 37.26 -26.22 -13.00
C SER A 529 38.32 -25.81 -14.00
N LEU A 530 38.78 -26.76 -14.82
CA LEU A 530 39.83 -26.54 -15.79
C LEU A 530 39.22 -26.48 -17.19
N PHE A 531 39.45 -25.36 -17.87
CA PHE A 531 38.96 -25.15 -19.23
C PHE A 531 40.14 -25.18 -20.18
N GLU A 532 40.03 -25.98 -21.24
CA GLU A 532 41.11 -26.18 -22.21
C GLU A 532 40.73 -25.55 -23.53
N GLU A 533 41.63 -24.72 -24.06
CA GLU A 533 41.49 -24.09 -25.38
C GLU A 533 40.19 -23.27 -25.45
N CYS A 534 40.14 -22.23 -24.63
CA CYS A 534 39.01 -21.31 -24.58
C CYS A 534 39.51 -19.94 -25.05
N TYR A 535 39.44 -19.71 -26.35
CA TYR A 535 39.91 -18.47 -26.97
C TYR A 535 38.70 -17.61 -27.31
N PHE A 536 38.51 -16.53 -26.56
CA PHE A 536 37.42 -15.59 -26.77
C PHE A 536 37.97 -14.19 -26.95
N GLU A 537 37.53 -13.50 -27.98
CA GLU A 537 37.96 -12.14 -28.28
C GLU A 537 36.75 -11.22 -28.32
N ASP A 538 36.91 -10.04 -27.73
CA ASP A 538 35.86 -9.02 -27.67
C ASP A 538 34.59 -9.57 -27.02
N VAL A 539 34.74 -10.06 -25.78
CA VAL A 539 33.64 -10.59 -25.00
C VAL A 539 33.55 -9.80 -23.69
N THR A 540 32.35 -9.38 -23.34
CA THR A 540 32.11 -8.56 -22.16
C THR A 540 31.43 -9.40 -21.09
N SER A 541 31.93 -9.31 -19.86
CA SER A 541 31.38 -10.05 -18.73
C SER A 541 31.15 -9.11 -17.56
N SER A 542 30.22 -9.50 -16.68
CA SER A 542 29.90 -8.70 -15.51
C SER A 542 29.41 -9.62 -14.40
N ASN A 543 29.49 -9.12 -13.17
CA ASN A 543 29.08 -9.87 -11.97
C ASN A 543 29.78 -11.22 -11.88
N THR A 544 31.09 -11.23 -12.13
CA THR A 544 31.89 -12.45 -12.13
C THR A 544 32.80 -12.45 -10.91
N PHE A 545 32.68 -13.50 -10.09
CA PHE A 545 33.54 -13.70 -8.94
C PHE A 545 34.12 -15.10 -8.98
N PHE A 546 35.40 -15.22 -8.63
CA PHE A 546 36.13 -16.47 -8.74
C PHE A 546 36.66 -16.91 -7.38
N ARG A 547 36.79 -18.23 -7.22
CA ARG A 547 37.44 -18.81 -6.06
C ARG A 547 37.91 -20.21 -6.43
N ASN A 548 39.20 -20.49 -6.18
CA ASN A 548 39.82 -21.75 -6.56
C ASN A 548 39.66 -22.02 -8.06
N CYS A 549 39.83 -20.98 -8.87
CA CYS A 549 39.67 -21.06 -10.31
C CYS A 549 41.02 -21.26 -10.99
N THR A 550 41.00 -21.92 -12.14
CA THR A 550 42.21 -22.16 -12.92
C THR A 550 41.81 -22.34 -14.38
N PHE A 551 42.79 -22.14 -15.26
CA PHE A 551 42.55 -22.22 -16.70
C PHE A 551 43.72 -22.95 -17.37
N ILE A 552 43.44 -23.54 -18.52
CA ILE A 552 44.44 -24.25 -19.32
C ILE A 552 44.41 -23.67 -20.72
N ASN A 553 45.50 -23.01 -21.13
CA ASN A 553 45.64 -22.44 -22.47
C ASN A 553 44.46 -21.54 -22.82
N THR A 554 44.03 -20.75 -21.84
CA THR A 554 42.89 -19.84 -22.00
C THR A 554 43.38 -18.40 -22.02
N VAL A 555 43.08 -17.69 -23.11
CA VAL A 555 43.46 -16.30 -23.27
C VAL A 555 42.19 -15.48 -23.40
N PHE A 556 42.07 -14.43 -22.58
CA PHE A 556 40.89 -13.59 -22.54
C PHE A 556 41.23 -12.18 -23.01
N TYR A 557 40.37 -11.62 -23.85
CA TYR A 557 40.55 -10.28 -24.40
C TYR A 557 39.35 -9.43 -24.04
N ASN A 558 39.61 -8.21 -23.56
CA ASN A 558 38.57 -7.23 -23.25
C ASN A 558 37.57 -7.79 -22.23
N THR A 559 38.08 -8.52 -21.24
CA THR A 559 37.25 -9.17 -20.23
C THR A 559 37.38 -8.43 -18.91
N ASP A 560 36.50 -8.80 -17.98
CA ASP A 560 36.48 -8.23 -16.64
C ASP A 560 37.30 -9.03 -15.64
N LEU A 561 37.94 -10.12 -16.08
CA LEU A 561 38.70 -10.96 -15.17
C LEU A 561 39.94 -10.22 -14.65
N PHE A 562 40.22 -10.39 -13.36
CA PHE A 562 41.37 -9.76 -12.74
C PHE A 562 41.77 -10.57 -11.52
N GLU A 563 42.99 -10.32 -11.05
CA GLU A 563 43.52 -11.00 -9.87
C GLU A 563 42.86 -10.54 -8.58
N TYR A 564 42.06 -9.48 -8.63
CA TYR A 564 41.37 -9.00 -7.43
C TYR A 564 40.43 -10.06 -6.88
N LYS A 565 39.74 -10.79 -7.77
CA LYS A 565 38.85 -11.88 -7.38
C LYS A 565 39.56 -13.24 -7.39
N PHE A 566 40.88 -13.26 -7.62
CA PHE A 566 41.64 -14.50 -7.66
C PHE A 566 42.14 -14.92 -6.28
N VAL A 567 41.48 -14.49 -5.22
CA VAL A 567 41.90 -14.85 -3.87
C VAL A 567 41.72 -16.34 -3.66
N ASN A 568 42.77 -17.01 -3.16
CA ASN A 568 42.78 -18.45 -2.93
C ASN A 568 42.46 -19.21 -4.21
N SER A 569 43.02 -18.74 -5.33
CA SER A 569 42.82 -19.37 -6.62
C SER A 569 44.15 -19.46 -7.36
N ARG A 570 44.28 -20.46 -8.22
CA ARG A 570 45.49 -20.64 -9.00
C ARG A 570 45.52 -19.68 -10.18
N LEU A 571 46.72 -19.18 -10.50
CA LEU A 571 46.92 -18.25 -11.61
C LEU A 571 47.45 -18.96 -12.85
N ILE A 572 47.02 -20.20 -13.08
CA ILE A 572 47.51 -20.96 -14.22
C ILE A 572 46.88 -20.43 -15.50
N ASN A 573 47.72 -20.13 -16.48
CA ASN A 573 47.28 -19.63 -17.80
C ASN A 573 46.40 -18.40 -17.66
N SER A 574 46.80 -17.48 -16.79
CA SER A 574 46.08 -16.22 -16.59
C SER A 574 46.62 -15.11 -17.49
N THR A 575 46.68 -15.38 -18.79
CA THR A 575 47.17 -14.39 -19.74
C THR A 575 46.14 -13.28 -19.92
N PHE A 576 46.59 -12.03 -19.80
CA PHE A 576 45.70 -10.88 -19.90
C PHE A 576 46.26 -9.80 -20.81
N LEU A 577 47.08 -10.20 -21.78
CA LEU A 577 47.59 -9.24 -22.76
C LEU A 577 46.49 -8.82 -23.71
N HIS A 578 46.53 -7.55 -24.14
CA HIS A 578 45.53 -6.97 -25.03
C HIS A 578 44.12 -7.13 -24.45
N ASN A 579 44.00 -6.84 -23.16
CA ASN A 579 42.74 -6.99 -22.43
C ASN A 579 42.35 -5.66 -21.80
N LYS A 580 41.05 -5.39 -21.79
CA LYS A 580 40.54 -4.19 -21.14
C LYS A 580 40.66 -4.32 -19.63
N GLU A 581 40.70 -3.17 -18.95
CA GLU A 581 40.83 -3.16 -17.50
C GLU A 581 39.63 -3.89 -16.87
N GLY A 582 39.93 -4.76 -15.91
CA GLY A 582 38.92 -5.63 -15.34
C GLY A 582 38.70 -5.45 -13.85
N CYS A 583 38.66 -4.20 -13.38
CA CYS A 583 38.42 -3.92 -11.97
C CYS A 583 37.04 -4.42 -11.57
N PRO A 584 36.95 -5.43 -10.71
CA PRO A 584 35.66 -6.03 -10.40
C PRO A 584 34.86 -5.21 -9.40
N LEU A 585 33.58 -5.54 -9.31
CA LEU A 585 32.66 -4.92 -8.37
C LEU A 585 32.79 -5.56 -6.99
N ASP A 586 32.20 -4.90 -6.00
CA ASP A 586 32.30 -5.33 -4.61
C ASP A 586 30.94 -5.14 -3.94
N VAL A 587 30.94 -5.20 -2.61
CA VAL A 587 29.77 -4.96 -1.77
C VAL A 587 28.70 -6.03 -1.98
N THR A 588 28.21 -6.15 -3.22
CA THR A 588 27.14 -7.09 -3.50
C THR A 588 27.55 -8.53 -3.26
N GLY A 589 28.85 -8.81 -3.18
CA GLY A 589 29.29 -10.15 -2.83
C GLY A 589 28.86 -10.55 -1.43
N THR A 590 28.87 -9.60 -0.51
CA THR A 590 28.38 -9.83 0.85
C THR A 590 26.86 -9.67 0.84
N GLY A 591 26.13 -10.76 1.06
CA GLY A 591 24.69 -10.73 1.01
C GLY A 591 24.17 -10.48 -0.38
N GLU A 592 24.37 -11.44 -1.29
CA GLU A 592 23.96 -11.27 -2.68
C GLU A 592 22.45 -11.17 -2.82
N GLY A 593 21.68 -11.66 -1.85
CA GLY A 593 20.23 -11.58 -1.91
C GLY A 593 19.65 -10.24 -1.49
N ALA A 594 20.48 -9.27 -1.11
CA ALA A 594 20.03 -7.97 -0.66
C ALA A 594 19.93 -6.95 -1.77
N TYR A 595 19.72 -7.40 -3.01
CA TYR A 595 19.70 -6.47 -4.15
C TYR A 595 18.47 -5.58 -4.13
N MET A 596 17.27 -6.18 -3.97
CA MET A 596 16.03 -5.42 -3.86
C MET A 596 15.43 -5.47 -2.46
N VAL A 597 16.21 -5.83 -1.44
CA VAL A 597 15.70 -5.77 -0.08
C VAL A 597 15.34 -4.33 0.28
N TYR A 598 16.00 -3.37 -0.35
CA TYR A 598 15.65 -1.97 -0.14
C TYR A 598 14.24 -1.67 -0.63
N PHE A 599 13.77 -2.40 -1.65
CA PHE A 599 12.41 -2.18 -2.15
C PHE A 599 11.38 -2.65 -1.13
N VAL A 600 11.54 -3.86 -0.60
CA VAL A 600 10.58 -4.33 0.40
C VAL A 600 10.66 -3.48 1.66
N SER A 601 11.85 -3.01 2.02
CA SER A 601 11.94 -2.08 3.15
C SER A 601 11.22 -0.76 2.84
N PHE A 602 11.33 -0.28 1.60
CA PHE A 602 10.67 0.96 1.21
C PHE A 602 9.16 0.81 1.30
N LEU A 603 8.62 -0.30 0.80
CA LEU A 603 7.18 -0.49 0.92
C LEU A 603 6.75 -0.74 2.36
N GLY A 604 7.58 -1.36 3.19
CA GLY A 604 7.25 -1.47 4.60
C GLY A 604 7.13 -0.12 5.25
N THR A 605 8.12 0.74 5.04
CA THR A 605 8.10 2.07 5.65
C THR A 605 7.01 2.95 5.05
N LEU A 606 6.66 2.73 3.78
CA LEU A 606 5.57 3.48 3.16
C LEU A 606 4.22 3.03 3.68
N ALA A 607 4.01 1.71 3.79
CA ALA A 607 2.75 1.17 4.25
C ALA A 607 2.55 1.35 5.74
N VAL A 608 3.60 1.66 6.49
CA VAL A 608 3.39 2.05 7.88
C VAL A 608 2.48 3.26 7.95
N LEU A 609 2.59 4.17 6.98
CA LEU A 609 1.79 5.41 7.02
C LEU A 609 0.29 5.15 6.96
N PRO A 610 -0.26 4.48 5.95
CA PRO A 610 -1.73 4.31 5.92
C PRO A 610 -2.26 3.60 7.16
N GLY A 611 -1.47 2.72 7.75
CA GLY A 611 -1.77 2.21 9.07
C GLY A 611 -1.34 3.11 10.20
N ASN A 612 -0.75 4.27 9.90
CA ASN A 612 -0.29 5.20 10.93
C ASN A 612 -1.26 6.33 11.18
N ILE A 613 -1.80 6.96 10.13
CA ILE A 613 -2.81 8.00 10.36
C ILE A 613 -4.03 7.43 11.07
N VAL A 614 -4.49 6.26 10.63
CA VAL A 614 -5.67 5.66 11.26
C VAL A 614 -5.39 5.34 12.71
N SER A 615 -4.23 4.76 13.01
CA SER A 615 -3.90 4.43 14.40
C SER A 615 -3.79 5.69 15.25
N ALA A 616 -3.19 6.75 14.70
CA ALA A 616 -3.06 8.00 15.45
C ALA A 616 -4.42 8.56 15.81
N LEU A 617 -5.35 8.61 14.84
CA LEU A 617 -6.70 9.08 15.16
C LEU A 617 -7.38 8.18 16.18
N LEU A 618 -7.25 6.86 16.01
CA LEU A 618 -7.91 5.92 16.91
C LEU A 618 -7.46 6.12 18.35
N MET A 619 -6.16 6.21 18.57
CA MET A 619 -5.66 6.35 19.94
C MET A 619 -5.57 7.81 20.38
N ASP A 620 -5.97 8.75 19.53
CA ASP A 620 -6.04 10.15 19.91
C ASP A 620 -7.44 10.61 20.25
N LYS A 621 -8.47 9.90 19.77
CA LYS A 621 -9.84 10.38 19.95
C LYS A 621 -10.68 9.57 20.93
N ILE A 622 -10.51 8.24 20.98
CA ILE A 622 -11.48 7.42 21.72
C ILE A 622 -11.35 7.64 23.22
N GLY A 623 -10.13 7.72 23.74
CA GLY A 623 -9.94 7.98 25.15
C GLY A 623 -9.59 6.78 25.99
N ARG A 624 -10.55 6.27 26.76
CA ARG A 624 -10.30 5.22 27.73
C ARG A 624 -10.46 3.81 27.18
N LEU A 625 -10.90 3.67 25.92
CA LEU A 625 -11.07 2.36 25.31
C LEU A 625 -9.91 2.01 24.39
N ARG A 626 -8.76 2.66 24.58
CA ARG A 626 -7.62 2.45 23.70
C ARG A 626 -7.10 1.03 23.80
N MET A 627 -7.06 0.47 25.01
CA MET A 627 -6.58 -0.90 25.17
C MET A 627 -7.46 -1.89 24.42
N LEU A 628 -8.78 -1.75 24.54
CA LEU A 628 -9.69 -2.66 23.83
C LEU A 628 -9.57 -2.49 22.33
N ALA A 629 -9.51 -1.24 21.85
CA ALA A 629 -9.39 -1.01 20.41
C ALA A 629 -8.09 -1.60 19.88
N GLY A 630 -6.99 -1.37 20.59
CA GLY A 630 -5.71 -1.93 20.16
C GLY A 630 -5.72 -3.45 20.16
N SER A 631 -6.32 -4.06 21.19
CA SER A 631 -6.38 -5.51 21.23
C SER A 631 -7.19 -6.07 20.07
N SER A 632 -8.34 -5.44 19.77
CA SER A 632 -9.15 -5.90 18.64
C SER A 632 -8.38 -5.76 17.33
N VAL A 633 -7.72 -4.62 17.13
CA VAL A 633 -6.99 -4.42 15.88
C VAL A 633 -5.82 -5.40 15.77
N MET A 634 -5.15 -5.71 16.87
CA MET A 634 -4.05 -6.67 16.83
C MET A 634 -4.56 -8.08 16.54
N SER A 635 -5.70 -8.46 17.12
CA SER A 635 -6.25 -9.78 16.80
C SER A 635 -6.63 -9.86 15.33
N CYS A 636 -7.24 -8.79 14.79
CA CYS A 636 -7.58 -8.76 13.38
C CYS A 636 -6.33 -8.83 12.51
N VAL A 637 -5.26 -8.14 12.89
CA VAL A 637 -4.04 -8.18 12.12
C VAL A 637 -3.37 -9.56 12.21
N SER A 638 -3.50 -10.23 13.36
CA SER A 638 -2.93 -11.57 13.48
C SER A 638 -3.67 -12.56 12.60
N CYS A 639 -5.01 -12.50 12.58
CA CYS A 639 -5.74 -13.37 11.66
C CYS A 639 -5.48 -12.99 10.21
N PHE A 640 -5.25 -11.70 9.96
CA PHE A 640 -4.81 -11.22 8.66
C PHE A 640 -3.50 -11.89 8.24
N PHE A 641 -2.51 -11.89 9.14
CA PHE A 641 -1.22 -12.50 8.86
C PHE A 641 -1.36 -13.99 8.60
N LEU A 642 -2.19 -14.68 9.39
CA LEU A 642 -2.41 -16.10 9.13
C LEU A 642 -3.11 -16.31 7.80
N SER A 643 -4.01 -15.40 7.41
CA SER A 643 -4.67 -15.49 6.11
C SER A 643 -3.67 -15.34 4.98
N PHE A 644 -2.60 -14.57 5.19
CA PHE A 644 -1.51 -14.55 4.22
C PHE A 644 -0.68 -15.82 4.33
N GLY A 645 -1.12 -16.84 3.62
CA GLY A 645 -0.39 -18.10 3.50
C GLY A 645 -0.13 -18.46 2.05
N ASN A 646 0.17 -17.47 1.24
CA ASN A 646 0.43 -17.66 -0.18
C ASN A 646 1.91 -17.49 -0.54
N SER A 647 2.55 -16.43 -0.05
CA SER A 647 3.92 -16.10 -0.41
C SER A 647 4.60 -15.49 0.81
N GLU A 648 5.75 -14.85 0.57
CA GLU A 648 6.43 -14.11 1.62
C GLU A 648 6.00 -12.65 1.65
N SER A 649 4.68 -12.44 1.67
CA SER A 649 4.10 -11.12 1.91
C SER A 649 3.61 -10.97 3.34
N ALA A 650 3.49 -12.08 4.07
CA ALA A 650 3.07 -12.03 5.45
C ALA A 650 4.07 -11.25 6.30
N MET A 651 5.36 -11.32 5.97
CA MET A 651 6.35 -10.60 6.76
C MET A 651 6.27 -9.10 6.52
N ILE A 652 6.08 -8.69 5.26
CA ILE A 652 5.88 -7.26 4.98
C ILE A 652 4.61 -6.77 5.66
N ALA A 653 3.53 -7.55 5.58
CA ALA A 653 2.28 -7.15 6.19
C ALA A 653 2.41 -7.04 7.71
N LEU A 654 3.07 -8.01 8.33
CA LEU A 654 3.29 -7.97 9.78
C LEU A 654 4.13 -6.75 10.16
N LEU A 655 5.22 -6.52 9.42
CA LEU A 655 6.04 -5.34 9.67
C LEU A 655 5.21 -4.07 9.61
N CYS A 656 4.43 -3.91 8.56
CA CYS A 656 3.68 -2.67 8.37
C CYS A 656 2.63 -2.48 9.45
N LEU A 657 1.77 -3.48 9.64
CA LEU A 657 0.62 -3.38 10.52
C LEU A 657 0.98 -3.53 11.99
N PHE A 658 2.23 -3.89 12.32
CA PHE A 658 2.66 -3.85 13.70
C PHE A 658 3.57 -2.67 13.99
N GLY A 659 4.35 -2.20 13.02
CA GLY A 659 5.04 -0.95 13.18
C GLY A 659 4.10 0.22 13.34
N GLY A 660 2.95 0.17 12.65
CA GLY A 660 1.97 1.23 12.83
C GLY A 660 1.54 1.38 14.27
N VAL A 661 1.14 0.26 14.90
CA VAL A 661 0.69 0.32 16.28
C VAL A 661 1.85 0.59 17.23
N SER A 662 3.03 0.02 16.94
CA SER A 662 4.19 0.27 17.78
C SER A 662 4.53 1.75 17.82
N ILE A 663 4.54 2.40 16.67
CA ILE A 663 4.95 3.80 16.62
C ILE A 663 3.84 4.73 17.06
N ALA A 664 2.58 4.33 16.90
CA ALA A 664 1.51 5.08 17.57
C ALA A 664 1.69 5.05 19.08
N SER A 665 2.06 3.88 19.62
CA SER A 665 2.31 3.78 21.06
C SER A 665 3.56 4.58 21.46
N TRP A 666 4.59 4.55 20.62
CA TRP A 666 5.76 5.40 20.85
C TRP A 666 5.38 6.87 20.94
N ASN A 667 4.52 7.32 20.03
CA ASN A 667 4.07 8.71 20.06
C ASN A 667 3.27 9.00 21.32
N ALA A 668 2.45 8.03 21.75
CA ALA A 668 1.76 8.18 23.03
C ALA A 668 2.75 8.37 24.16
N LEU A 669 3.79 7.55 24.18
CA LEU A 669 4.80 7.65 25.23
C LEU A 669 5.50 9.00 25.21
N ASP A 670 5.83 9.50 24.01
CA ASP A 670 6.50 10.80 23.90
C ASP A 670 5.59 11.92 24.41
N VAL A 671 4.33 11.93 23.96
CA VAL A 671 3.40 12.96 24.41
C VAL A 671 3.21 12.89 25.92
N LEU A 672 3.24 11.68 26.49
CA LEU A 672 3.13 11.55 27.93
C LEU A 672 4.38 12.09 28.63
N THR A 673 5.57 11.82 28.08
CA THR A 673 6.80 12.29 28.70
C THR A 673 6.89 13.81 28.71
N VAL A 674 6.51 14.45 27.60
CA VAL A 674 6.77 15.89 27.48
C VAL A 674 5.91 16.68 28.46
N GLU A 675 4.68 16.25 28.68
CA GLU A 675 3.76 17.03 29.52
C GLU A 675 4.16 16.97 31.00
N LEU A 676 4.70 15.84 31.45
CA LEU A 676 4.96 15.67 32.88
C LEU A 676 6.14 16.54 33.33
N TYR A 677 7.24 16.50 32.60
CA TYR A 677 8.45 17.16 33.07
C TYR A 677 8.35 18.67 32.84
N PRO A 678 8.88 19.48 33.75
CA PRO A 678 8.96 20.92 33.51
C PRO A 678 9.97 21.21 32.41
N SER A 679 9.79 22.36 31.76
CA SER A 679 10.63 22.69 30.61
C SER A 679 12.11 22.83 31.00
N ASP A 680 12.39 23.34 32.19
CA ASP A 680 13.78 23.44 32.63
C ASP A 680 14.44 22.07 32.69
N LYS A 681 13.68 21.04 33.06
CA LYS A 681 14.19 19.69 33.14
C LYS A 681 13.55 18.77 32.08
N ARG A 682 12.99 19.34 31.02
CA ARG A 682 12.28 18.54 30.04
C ARG A 682 13.24 17.86 29.07
N THR A 683 14.04 18.66 28.36
CA THR A 683 14.89 18.10 27.32
C THR A 683 15.92 17.13 27.90
N THR A 684 16.52 17.48 29.04
CA THR A 684 17.52 16.60 29.64
C THR A 684 16.90 15.26 30.04
N ALA A 685 15.72 15.29 30.64
CA ALA A 685 15.07 14.03 31.03
C ALA A 685 14.69 13.21 29.81
N PHE A 686 14.12 13.85 28.78
CA PHE A 686 13.67 13.09 27.63
C PHE A 686 14.86 12.51 26.86
N GLY A 687 15.95 13.26 26.77
CA GLY A 687 17.16 12.73 26.14
C GLY A 687 17.80 11.61 26.93
N PHE A 688 17.77 11.71 28.26
CA PHE A 688 18.26 10.61 29.08
C PHE A 688 17.42 9.36 28.86
N LEU A 689 16.10 9.51 28.79
CA LEU A 689 15.24 8.37 28.52
C LEU A 689 15.53 7.78 27.15
N ASN A 690 15.80 8.63 26.16
CA ASN A 690 16.14 8.16 24.82
C ASN A 690 17.46 7.37 24.82
N ALA A 691 18.47 7.88 25.54
CA ALA A 691 19.72 7.15 25.65
C ALA A 691 19.52 5.82 26.35
N LEU A 692 18.67 5.79 27.38
CA LEU A 692 18.36 4.54 28.06
C LEU A 692 17.66 3.56 27.14
N CYS A 693 16.78 4.06 26.27
CA CYS A 693 16.16 3.21 25.26
C CYS A 693 17.20 2.63 24.30
N LYS A 694 18.15 3.47 23.89
CA LYS A 694 19.22 2.97 23.03
C LYS A 694 20.01 1.87 23.73
N LEU A 695 20.30 2.05 25.02
CA LEU A 695 21.02 1.02 25.76
C LEU A 695 20.21 -0.26 25.86
N ALA A 696 18.90 -0.12 26.07
CA ALA A 696 18.04 -1.30 26.10
C ALA A 696 18.09 -2.05 24.78
N ALA A 697 18.03 -1.31 23.66
CA ALA A 697 18.06 -1.96 22.36
C ALA A 697 19.40 -2.66 22.11
N VAL A 698 20.51 -1.98 22.43
CA VAL A 698 21.83 -2.56 22.19
C VAL A 698 22.03 -3.81 23.05
N LEU A 699 21.73 -3.71 24.34
CA LEU A 699 21.87 -4.88 25.20
C LEU A 699 20.92 -5.98 24.80
N GLY A 700 19.75 -5.64 24.27
CA GLY A 700 18.84 -6.67 23.79
C GLY A 700 19.40 -7.43 22.62
N ILE A 701 19.94 -6.72 21.63
CA ILE A 701 20.53 -7.41 20.48
C ILE A 701 21.71 -8.26 20.94
N SER A 702 22.49 -7.76 21.90
CA SER A 702 23.64 -8.52 22.38
C SER A 702 23.21 -9.79 23.12
N ILE A 703 22.20 -9.68 23.98
CA ILE A 703 21.78 -10.85 24.75
C ILE A 703 21.05 -11.86 23.87
N PHE A 704 20.32 -11.41 22.86
CA PHE A 704 19.72 -12.36 21.93
C PHE A 704 20.78 -13.00 21.03
N THR A 705 21.85 -12.27 20.71
CA THR A 705 22.97 -12.89 20.02
C THR A 705 23.61 -13.97 20.88
N SER A 706 23.76 -13.69 22.18
CA SER A 706 24.32 -14.68 23.10
C SER A 706 23.41 -15.89 23.23
N PHE A 707 22.10 -15.67 23.32
CA PHE A 707 21.16 -16.76 23.57
C PHE A 707 20.80 -17.51 22.30
N VAL A 708 20.47 -16.79 21.23
CA VAL A 708 20.11 -17.44 19.97
C VAL A 708 21.40 -17.85 19.26
N GLY A 709 21.53 -19.14 18.98
CA GLY A 709 22.72 -19.66 18.34
C GLY A 709 23.76 -20.17 19.32
N PRO B 133 -46.10 35.43 -4.10
CA PRO B 133 -46.57 34.90 -5.38
C PRO B 133 -45.92 33.57 -5.74
N GLY B 134 -45.52 33.41 -7.01
CA GLY B 134 -44.87 32.18 -7.42
C GLY B 134 -43.57 31.94 -6.70
N GLY B 135 -42.72 32.97 -6.62
CA GLY B 135 -41.47 32.84 -5.90
C GLY B 135 -41.68 32.57 -4.42
N ARG B 136 -42.59 33.33 -3.80
CA ARG B 136 -42.91 33.10 -2.39
C ARG B 136 -43.67 31.79 -2.20
N GLY B 137 -44.46 31.40 -3.20
CA GLY B 137 -45.08 30.08 -3.15
C GLY B 137 -44.05 28.97 -3.08
N GLU B 138 -43.01 29.06 -3.91
CA GLU B 138 -41.94 28.07 -3.87
C GLU B 138 -41.14 28.19 -2.58
N ALA B 139 -41.00 29.41 -2.04
CA ALA B 139 -40.32 29.59 -0.77
C ALA B 139 -41.04 28.85 0.35
N GLN B 140 -42.35 29.05 0.46
CA GLN B 140 -43.12 28.29 1.44
C GLN B 140 -43.11 26.81 1.11
N ARG B 141 -43.01 26.46 -0.17
CA ARG B 141 -42.99 25.06 -0.55
C ARG B 141 -41.75 24.34 -0.01
N ARG B 142 -40.56 24.91 -0.22
CA ARG B 142 -39.39 24.20 0.29
C ARG B 142 -39.23 24.42 1.78
N LYS B 143 -39.85 25.48 2.34
CA LYS B 143 -39.94 25.56 3.79
C LYS B 143 -40.73 24.40 4.36
N GLU B 144 -41.88 24.09 3.76
CA GLU B 144 -42.64 22.92 4.17
C GLU B 144 -41.90 21.63 3.86
N ARG B 145 -41.09 21.60 2.80
CA ARG B 145 -40.25 20.44 2.54
C ARG B 145 -39.28 20.20 3.69
N GLU B 146 -38.62 21.27 4.15
CA GLU B 146 -37.73 21.15 5.29
C GLU B 146 -38.49 20.74 6.56
N GLU B 147 -39.67 21.31 6.76
CA GLU B 147 -40.48 20.95 7.92
C GLU B 147 -40.85 19.47 7.90
N LEU B 148 -41.27 18.97 6.75
CA LEU B 148 -41.64 17.56 6.66
C LEU B 148 -40.43 16.65 6.74
N ALA B 149 -39.26 17.10 6.26
CA ALA B 149 -38.05 16.33 6.46
C ALA B 149 -37.71 16.21 7.94
N GLN B 150 -37.83 17.32 8.67
CA GLN B 150 -37.62 17.28 10.11
C GLN B 150 -38.64 16.37 10.79
N GLN B 151 -39.90 16.42 10.35
CA GLN B 151 -40.94 15.58 10.94
C GLN B 151 -40.68 14.11 10.67
N TYR B 152 -40.23 13.79 9.45
CA TYR B 152 -39.90 12.40 9.13
C TYR B 152 -38.70 11.92 9.92
N GLU B 153 -37.70 12.78 10.11
CA GLU B 153 -36.56 12.41 10.95
C GLU B 153 -37.00 12.16 12.38
N ALA B 154 -37.93 12.99 12.88
CA ALA B 154 -38.48 12.77 14.21
C ALA B 154 -39.21 11.44 14.30
N ILE B 155 -39.99 11.11 13.27
CA ILE B 155 -40.68 9.81 13.24
C ILE B 155 -39.66 8.68 13.25
N LEU B 156 -38.59 8.83 12.46
CA LEU B 156 -37.59 7.77 12.37
C LEU B 156 -36.88 7.56 13.71
N ARG B 157 -36.48 8.64 14.37
CA ARG B 157 -35.84 8.49 15.68
C ARG B 157 -36.84 8.13 16.77
N GLU B 158 -38.14 8.26 16.51
CA GLU B 158 -39.14 7.73 17.42
C GLU B 158 -39.27 6.21 17.29
N CYS B 159 -39.09 5.67 16.09
CA CYS B 159 -39.22 4.24 15.88
C CYS B 159 -38.09 3.47 16.58
N GLY B 160 -36.86 3.94 16.45
CA GLY B 160 -35.74 3.33 17.15
C GLY B 160 -34.70 2.72 16.25
N HIS B 161 -33.99 1.71 16.76
CA HIS B 161 -32.92 1.05 16.00
C HIS B 161 -32.77 -0.36 16.56
N GLY B 162 -33.30 -1.35 15.84
CA GLY B 162 -33.29 -2.71 16.32
C GLY B 162 -33.14 -3.78 15.26
N ARG B 163 -33.94 -4.85 15.40
CA ARG B 163 -33.79 -6.01 14.52
C ARG B 163 -34.17 -5.66 13.08
N PHE B 164 -35.20 -4.85 12.88
CA PHE B 164 -35.67 -4.59 11.52
C PHE B 164 -34.60 -3.91 10.69
N GLN B 165 -33.93 -2.90 11.26
CA GLN B 165 -32.96 -2.15 10.48
C GLN B 165 -31.73 -2.98 10.18
N TRP B 166 -31.35 -3.88 11.09
CA TRP B 166 -30.21 -4.76 10.80
C TRP B 166 -30.58 -5.84 9.78
N THR B 167 -31.82 -6.31 9.79
CA THR B 167 -32.27 -7.22 8.74
C THR B 167 -32.24 -6.54 7.38
N LEU B 168 -32.73 -5.30 7.32
CA LEU B 168 -32.67 -4.54 6.07
C LEU B 168 -31.22 -4.31 5.66
N TYR B 169 -30.35 -4.06 6.63
CA TYR B 169 -28.93 -3.92 6.33
C TYR B 169 -28.36 -5.19 5.73
N PHE B 170 -28.73 -6.35 6.26
CA PHE B 170 -28.23 -7.61 5.72
C PHE B 170 -28.75 -7.86 4.30
N VAL B 171 -30.00 -7.50 4.04
CA VAL B 171 -30.54 -7.71 2.69
C VAL B 171 -29.85 -6.77 1.69
N LEU B 172 -29.75 -5.49 2.03
CA LEU B 172 -29.04 -4.57 1.14
C LEU B 172 -27.56 -4.92 1.05
N GLY B 173 -27.01 -5.59 2.06
CA GLY B 173 -25.66 -6.08 1.96
C GLY B 173 -25.52 -7.27 1.03
N LEU B 174 -26.56 -8.10 0.94
CA LEU B 174 -26.58 -9.13 -0.09
C LEU B 174 -26.60 -8.50 -1.48
N ALA B 175 -27.37 -7.42 -1.63
CA ALA B 175 -27.37 -6.70 -2.90
C ALA B 175 -25.98 -6.14 -3.23
N LEU B 176 -25.35 -5.50 -2.25
CA LEU B 176 -23.99 -4.99 -2.45
C LEU B 176 -23.00 -6.13 -2.66
N MET B 177 -23.25 -7.29 -2.08
CA MET B 177 -22.43 -8.47 -2.33
C MET B 177 -22.50 -8.89 -3.78
N ALA B 178 -23.72 -8.88 -4.35
CA ALA B 178 -23.86 -9.16 -5.77
C ALA B 178 -23.12 -8.15 -6.62
N ASP B 179 -23.23 -6.87 -6.27
CA ASP B 179 -22.53 -5.83 -7.03
C ASP B 179 -21.02 -6.04 -6.97
N GLY B 180 -20.51 -6.32 -5.77
CA GLY B 180 -19.08 -6.59 -5.63
C GLY B 180 -18.64 -7.83 -6.36
N VAL B 181 -19.49 -8.86 -6.42
CA VAL B 181 -19.15 -10.08 -7.15
C VAL B 181 -18.99 -9.77 -8.63
N GLU B 182 -19.94 -9.01 -9.19
CA GLU B 182 -19.78 -8.68 -10.61
C GLU B 182 -18.59 -7.76 -10.86
N VAL B 183 -18.32 -6.83 -9.93
CA VAL B 183 -17.14 -5.97 -10.08
C VAL B 183 -15.88 -6.81 -10.10
N PHE B 184 -15.77 -7.78 -9.18
CA PHE B 184 -14.61 -8.67 -9.16
C PHE B 184 -14.52 -9.47 -10.44
N VAL B 185 -15.65 -10.02 -10.91
CA VAL B 185 -15.61 -10.85 -12.11
C VAL B 185 -15.08 -10.03 -13.28
N VAL B 186 -15.64 -8.84 -13.51
CA VAL B 186 -15.23 -8.06 -14.67
C VAL B 186 -13.81 -7.56 -14.53
N GLY B 187 -13.36 -7.22 -13.32
CA GLY B 187 -12.03 -6.65 -13.17
C GLY B 187 -10.92 -7.66 -13.01
N PHE B 188 -11.26 -8.91 -12.71
CA PHE B 188 -10.26 -9.90 -12.33
C PHE B 188 -10.27 -11.15 -13.19
N VAL B 189 -11.43 -11.60 -13.67
CA VAL B 189 -11.53 -12.93 -14.27
C VAL B 189 -11.93 -12.77 -15.73
N LEU B 190 -11.51 -11.68 -16.34
CA LEU B 190 -11.62 -11.54 -17.79
C LEU B 190 -10.61 -12.36 -18.60
N PRO B 191 -9.36 -12.56 -18.16
CA PRO B 191 -8.37 -13.18 -19.05
C PRO B 191 -8.49 -14.69 -19.20
N SER B 192 -9.54 -15.32 -18.71
CA SER B 192 -9.67 -16.78 -18.81
C SER B 192 -10.60 -17.21 -19.95
N ALA B 193 -11.05 -16.27 -20.77
CA ALA B 193 -12.08 -16.56 -21.78
C ALA B 193 -11.52 -16.86 -23.16
N GLU B 194 -10.20 -16.81 -23.35
CA GLU B 194 -9.65 -17.19 -24.65
C GLU B 194 -9.43 -18.69 -24.79
N LYS B 195 -9.67 -19.47 -23.72
CA LYS B 195 -9.72 -20.91 -23.85
C LYS B 195 -11.00 -21.39 -24.52
N ASP B 196 -12.01 -20.52 -24.62
CA ASP B 196 -13.29 -20.86 -25.20
C ASP B 196 -13.72 -19.73 -26.14
N MET B 197 -14.74 -20.03 -26.96
CA MET B 197 -15.48 -19.07 -27.80
C MET B 197 -14.56 -18.17 -28.64
N CYS B 198 -13.28 -18.53 -28.77
CA CYS B 198 -12.32 -17.82 -29.62
C CYS B 198 -12.25 -16.33 -29.26
N LEU B 199 -11.82 -16.06 -28.02
CA LEU B 199 -11.61 -14.69 -27.59
C LEU B 199 -10.28 -14.17 -28.11
N SER B 200 -10.33 -13.06 -28.85
CA SER B 200 -9.11 -12.44 -29.34
C SER B 200 -8.44 -11.62 -28.25
N ASP B 201 -7.15 -11.33 -28.45
CA ASP B 201 -6.40 -10.56 -27.48
C ASP B 201 -6.76 -9.08 -27.51
N SER B 202 -7.05 -8.54 -28.69
CA SER B 202 -7.34 -7.12 -28.79
C SER B 202 -8.72 -6.74 -28.23
N ASN B 203 -9.62 -7.71 -28.10
CA ASN B 203 -11.00 -7.41 -27.71
C ASN B 203 -11.25 -7.55 -26.21
N LYS B 204 -10.24 -7.95 -25.42
CA LYS B 204 -10.43 -7.96 -23.98
C LYS B 204 -10.62 -6.54 -23.45
N GLY B 205 -9.83 -5.59 -23.94
CA GLY B 205 -10.02 -4.20 -23.57
C GLY B 205 -11.39 -3.69 -23.99
N MET B 206 -11.85 -4.10 -25.17
CA MET B 206 -13.18 -3.70 -25.62
C MET B 206 -14.26 -4.28 -24.71
N LEU B 207 -14.10 -5.53 -24.29
CA LEU B 207 -15.06 -6.13 -23.37
C LEU B 207 -15.12 -5.36 -22.06
N GLY B 208 -13.96 -5.11 -21.45
CA GLY B 208 -13.95 -4.35 -20.21
C GLY B 208 -14.54 -2.96 -20.36
N LEU B 209 -14.17 -2.27 -21.44
CA LEU B 209 -14.68 -0.92 -21.69
C LEU B 209 -16.19 -0.92 -21.84
N ILE B 210 -16.72 -1.85 -22.65
CA ILE B 210 -18.16 -1.84 -22.89
C ILE B 210 -18.91 -2.27 -21.63
N VAL B 211 -18.33 -3.14 -20.81
CA VAL B 211 -19.00 -3.49 -19.56
C VAL B 211 -19.03 -2.30 -18.61
N TYR B 212 -17.96 -1.51 -18.59
CA TYR B 212 -17.96 -0.32 -17.72
C TYR B 212 -18.91 0.76 -18.23
N LEU B 213 -19.03 0.93 -19.55
CA LEU B 213 -20.10 1.80 -20.05
C LEU B 213 -21.49 1.23 -19.75
N GLY B 214 -21.63 -0.10 -19.75
CA GLY B 214 -22.89 -0.68 -19.33
C GLY B 214 -23.22 -0.36 -17.89
N MET B 215 -22.24 -0.51 -17.00
CA MET B 215 -22.44 -0.16 -15.59
C MET B 215 -22.76 1.33 -15.44
N MET B 216 -22.09 2.17 -16.22
CA MET B 216 -22.34 3.62 -16.16
C MET B 216 -23.77 3.94 -16.55
N VAL B 217 -24.20 3.46 -17.71
CA VAL B 217 -25.54 3.79 -18.20
C VAL B 217 -26.60 3.16 -17.29
N GLY B 218 -26.31 1.97 -16.75
CA GLY B 218 -27.25 1.35 -15.83
C GLY B 218 -27.39 2.16 -14.55
N ALA B 219 -26.27 2.58 -13.98
CA ALA B 219 -26.33 3.38 -12.76
C ALA B 219 -27.11 4.65 -13.00
N PHE B 220 -26.80 5.37 -14.09
CA PHE B 220 -27.49 6.62 -14.37
C PHE B 220 -28.99 6.39 -14.57
N LEU B 221 -29.35 5.39 -15.39
CA LEU B 221 -30.76 5.16 -15.70
C LEU B 221 -31.54 4.73 -14.47
N TRP B 222 -31.00 3.78 -13.70
CA TRP B 222 -31.72 3.28 -12.54
C TRP B 222 -31.82 4.34 -11.45
N GLY B 223 -30.76 5.13 -11.26
CA GLY B 223 -30.84 6.23 -10.32
C GLY B 223 -31.88 7.26 -10.72
N GLY B 224 -31.93 7.62 -11.99
CA GLY B 224 -32.95 8.54 -12.45
C GLY B 224 -34.35 7.97 -12.30
N LEU B 225 -34.49 6.66 -12.51
CA LEU B 225 -35.81 6.04 -12.47
C LEU B 225 -36.33 5.88 -11.03
N ALA B 226 -35.43 5.59 -10.08
CA ALA B 226 -35.87 5.18 -8.75
C ALA B 226 -36.70 6.26 -8.07
N ASP B 227 -36.29 7.52 -8.18
CA ASP B 227 -37.00 8.58 -7.48
C ASP B 227 -38.36 8.89 -8.09
N ARG B 228 -38.66 8.36 -9.28
CA ARG B 228 -39.99 8.51 -9.86
C ARG B 228 -40.64 7.16 -10.15
N LEU B 229 -40.04 6.06 -9.71
CA LEU B 229 -40.65 4.74 -9.84
C LEU B 229 -40.58 3.92 -8.57
N GLY B 230 -39.67 4.22 -7.64
CA GLY B 230 -39.57 3.49 -6.40
C GLY B 230 -38.15 3.00 -6.13
N ARG B 231 -37.73 3.07 -4.86
CA ARG B 231 -36.40 2.57 -4.51
C ARG B 231 -36.36 1.05 -4.55
N ARG B 232 -37.39 0.40 -3.99
CA ARG B 232 -37.41 -1.06 -4.00
C ARG B 232 -37.76 -1.60 -5.38
N GLN B 233 -38.67 -0.92 -6.09
CA GLN B 233 -39.09 -1.41 -7.40
C GLN B 233 -37.92 -1.42 -8.38
N CYS B 234 -37.18 -0.30 -8.47
CA CYS B 234 -36.06 -0.24 -9.39
C CYS B 234 -34.93 -1.16 -8.96
N LEU B 235 -34.71 -1.31 -7.65
CA LEU B 235 -33.70 -2.25 -7.18
C LEU B 235 -34.06 -3.68 -7.57
N LEU B 236 -35.33 -4.06 -7.41
CA LEU B 236 -35.77 -5.39 -7.80
C LEU B 236 -35.63 -5.59 -9.29
N ILE B 237 -36.01 -4.60 -10.09
CA ILE B 237 -35.90 -4.74 -11.54
C ILE B 237 -34.44 -4.87 -11.96
N SER B 238 -33.56 -4.05 -11.38
CA SER B 238 -32.15 -4.11 -11.72
C SER B 238 -31.54 -5.45 -11.33
N LEU B 239 -31.87 -5.95 -10.14
CA LEU B 239 -31.30 -7.22 -9.71
C LEU B 239 -31.85 -8.38 -10.52
N SER B 240 -33.12 -8.32 -10.91
CA SER B 240 -33.68 -9.35 -11.78
C SER B 240 -32.99 -9.36 -13.13
N VAL B 241 -32.77 -8.17 -13.72
CA VAL B 241 -32.07 -8.09 -15.00
C VAL B 241 -30.66 -8.63 -14.87
N ASN B 242 -29.96 -8.23 -13.81
CA ASN B 242 -28.59 -8.71 -13.60
C ASN B 242 -28.55 -10.22 -13.47
N SER B 243 -29.44 -10.79 -12.65
CA SER B 243 -29.42 -12.23 -12.45
C SER B 243 -29.77 -12.99 -13.72
N VAL B 244 -30.81 -12.53 -14.44
CA VAL B 244 -31.22 -13.23 -15.65
C VAL B 244 -30.12 -13.18 -16.70
N PHE B 245 -29.50 -12.01 -16.88
CA PHE B 245 -28.48 -11.92 -17.93
C PHE B 245 -27.16 -12.57 -17.53
N ALA B 246 -26.82 -12.60 -16.23
CA ALA B 246 -25.68 -13.38 -15.80
C ALA B 246 -25.90 -14.86 -16.04
N PHE B 247 -27.12 -15.34 -15.75
CA PHE B 247 -27.45 -16.74 -16.05
C PHE B 247 -27.34 -17.02 -17.55
N PHE B 248 -27.86 -16.11 -18.37
CA PHE B 248 -27.79 -16.29 -19.81
C PHE B 248 -26.35 -16.29 -20.29
N SER B 249 -25.51 -15.41 -19.75
CA SER B 249 -24.09 -15.44 -20.08
C SER B 249 -23.46 -16.76 -19.68
N SER B 250 -23.88 -17.31 -18.54
CA SER B 250 -23.42 -18.64 -18.15
C SER B 250 -23.91 -19.73 -19.11
N PHE B 251 -24.98 -19.47 -19.87
CA PHE B 251 -25.41 -20.41 -20.88
C PHE B 251 -25.46 -19.85 -22.31
N VAL B 252 -24.38 -19.21 -22.75
CA VAL B 252 -24.22 -18.84 -24.15
C VAL B 252 -22.90 -19.41 -24.66
N GLN B 253 -22.80 -19.52 -25.98
CA GLN B 253 -21.64 -20.11 -26.64
C GLN B 253 -20.84 -19.09 -27.44
N GLY B 254 -21.48 -18.35 -28.34
CA GLY B 254 -20.76 -17.37 -29.12
C GLY B 254 -20.24 -16.22 -28.27
N TYR B 255 -19.11 -15.66 -28.71
CA TYR B 255 -18.50 -14.56 -27.96
C TYR B 255 -19.36 -13.31 -28.00
N GLY B 256 -20.03 -13.06 -29.12
CA GLY B 256 -20.90 -11.90 -29.21
C GLY B 256 -22.06 -11.95 -28.23
N THR B 257 -22.70 -13.12 -28.13
CA THR B 257 -23.81 -13.26 -27.20
C THR B 257 -23.33 -13.11 -25.75
N PHE B 258 -22.16 -13.67 -25.44
CA PHE B 258 -21.62 -13.51 -24.09
C PHE B 258 -21.32 -12.05 -23.79
N LEU B 259 -20.76 -11.32 -24.77
CA LEU B 259 -20.47 -9.91 -24.57
C LEU B 259 -21.75 -9.12 -24.36
N PHE B 260 -22.78 -9.41 -25.14
CA PHE B 260 -24.07 -8.76 -24.98
C PHE B 260 -24.67 -9.04 -23.61
N CYS B 261 -24.59 -10.29 -23.15
CA CYS B 261 -25.14 -10.65 -21.86
C CYS B 261 -24.39 -9.94 -20.73
N ARG B 262 -23.07 -9.83 -20.83
CA ARG B 262 -22.31 -9.13 -19.80
C ARG B 262 -22.59 -7.63 -19.85
N LEU B 263 -22.80 -7.08 -21.05
CA LEU B 263 -23.16 -5.67 -21.15
C LEU B 263 -24.48 -5.38 -20.46
N LEU B 264 -25.49 -6.25 -20.66
CA LEU B 264 -26.77 -6.04 -20.00
C LEU B 264 -26.80 -6.49 -18.55
N SER B 265 -25.82 -7.27 -18.10
CA SER B 265 -25.65 -7.46 -16.66
C SER B 265 -24.97 -6.25 -16.02
N GLY B 266 -24.18 -5.53 -16.81
CA GLY B 266 -23.56 -4.32 -16.30
C GLY B 266 -24.56 -3.30 -15.81
N VAL B 267 -25.65 -3.10 -16.55
CA VAL B 267 -26.65 -2.13 -16.12
C VAL B 267 -27.30 -2.59 -14.81
N GLY B 268 -27.62 -3.88 -14.72
CA GLY B 268 -28.25 -4.38 -13.51
C GLY B 268 -27.39 -4.21 -12.28
N ILE B 269 -26.08 -4.44 -12.41
CA ILE B 269 -25.24 -4.25 -11.24
C ILE B 269 -24.94 -2.78 -10.99
N GLY B 270 -24.74 -1.98 -12.02
CA GLY B 270 -24.50 -0.57 -11.82
C GLY B 270 -25.66 0.14 -11.15
N GLY B 271 -26.87 -0.37 -11.33
CA GLY B 271 -28.01 0.23 -10.64
C GLY B 271 -28.14 -0.11 -9.18
N SER B 272 -27.15 -0.75 -8.56
CA SER B 272 -27.28 -1.19 -7.18
C SER B 272 -26.99 -0.08 -6.18
N ILE B 273 -25.75 0.42 -6.16
CA ILE B 273 -25.32 1.31 -5.08
C ILE B 273 -26.16 2.58 -4.99
N PRO B 274 -26.45 3.29 -6.08
CA PRO B 274 -27.31 4.49 -5.95
C PRO B 274 -28.69 4.19 -5.42
N ILE B 275 -29.17 2.96 -5.53
CA ILE B 275 -30.47 2.59 -4.96
C ILE B 275 -30.34 1.67 -3.76
N VAL B 276 -29.14 1.39 -3.29
CA VAL B 276 -28.94 0.74 -2.00
C VAL B 276 -28.62 1.75 -0.91
N PHE B 277 -27.65 2.63 -1.14
CA PHE B 277 -27.32 3.64 -0.14
C PHE B 277 -28.48 4.59 0.07
N SER B 278 -29.05 5.11 -1.03
CA SER B 278 -30.13 6.09 -0.95
C SER B 278 -31.45 5.47 -0.53
N TYR B 279 -31.53 4.14 -0.45
CA TYR B 279 -32.73 3.47 0.04
C TYR B 279 -32.57 2.98 1.48
N PHE B 280 -31.34 2.71 1.91
CA PHE B 280 -31.09 2.42 3.31
C PHE B 280 -30.96 3.69 4.14
N SER B 281 -30.70 4.83 3.50
CA SER B 281 -30.60 6.09 4.24
C SER B 281 -31.93 6.45 4.91
N GLU B 282 -33.03 6.31 4.18
CA GLU B 282 -34.32 6.75 4.69
C GLU B 282 -34.89 5.84 5.76
N PHE B 283 -34.26 4.70 6.03
CA PHE B 283 -34.68 3.80 7.09
C PHE B 283 -33.86 3.96 8.35
N LEU B 284 -33.05 5.01 8.46
CA LEU B 284 -32.14 5.19 9.58
C LEU B 284 -32.25 6.60 10.14
N ALA B 285 -32.13 6.71 11.46
CA ALA B 285 -32.14 8.00 12.12
C ALA B 285 -30.85 8.76 11.85
N GLN B 286 -30.87 10.06 12.11
CA GLN B 286 -29.72 10.92 11.81
C GLN B 286 -28.49 10.51 12.62
N GLU B 287 -28.68 10.17 13.90
CA GLU B 287 -27.54 9.82 14.74
C GLU B 287 -26.89 8.53 14.27
N LYS B 288 -27.69 7.55 13.84
CA LYS B 288 -27.18 6.26 13.41
C LYS B 288 -26.98 6.18 11.89
N ARG B 289 -27.25 7.26 11.16
CA ARG B 289 -27.14 7.22 9.71
C ARG B 289 -25.71 6.96 9.27
N GLY B 290 -24.80 7.89 9.57
CA GLY B 290 -23.43 7.73 9.11
C GLY B 290 -22.76 6.50 9.69
N GLU B 291 -22.96 6.26 10.98
CA GLU B 291 -22.29 5.14 11.65
C GLU B 291 -22.67 3.82 11.02
N HIS B 292 -23.94 3.63 10.70
CA HIS B 292 -24.40 2.33 10.24
C HIS B 292 -24.35 2.19 8.73
N LEU B 293 -24.34 3.32 7.99
CA LEU B 293 -24.02 3.27 6.56
C LEU B 293 -22.54 3.06 6.31
N SER B 294 -21.67 3.41 7.26
CA SER B 294 -20.24 3.17 7.08
C SER B 294 -19.91 1.68 7.02
N TRP B 295 -20.81 0.82 7.51
CA TRP B 295 -20.56 -0.62 7.58
C TRP B 295 -21.12 -1.36 6.37
N LEU B 296 -21.58 -0.66 5.34
CA LEU B 296 -22.10 -1.32 4.15
C LEU B 296 -21.00 -1.72 3.17
N CYS B 297 -19.79 -1.18 3.31
CA CYS B 297 -18.68 -1.58 2.47
C CYS B 297 -18.14 -2.95 2.82
N MET B 298 -18.38 -3.41 4.05
CA MET B 298 -17.96 -4.75 4.44
C MET B 298 -18.64 -5.81 3.58
N PHE B 299 -19.89 -5.56 3.17
CA PHE B 299 -20.59 -6.53 2.35
C PHE B 299 -20.07 -6.52 0.92
N TRP B 300 -19.71 -5.36 0.39
CA TRP B 300 -19.02 -5.31 -0.90
C TRP B 300 -17.73 -6.10 -0.85
N MET B 301 -16.95 -5.93 0.24
CA MET B 301 -15.70 -6.65 0.37
C MET B 301 -15.92 -8.16 0.49
N ILE B 302 -16.92 -8.58 1.26
CA ILE B 302 -17.14 -10.01 1.40
C ILE B 302 -17.71 -10.59 0.11
N GLY B 303 -18.39 -9.77 -0.70
CA GLY B 303 -18.78 -10.23 -2.03
C GLY B 303 -17.57 -10.45 -2.92
N GLY B 304 -16.62 -9.52 -2.90
CA GLY B 304 -15.38 -9.74 -3.62
C GLY B 304 -14.67 -10.99 -3.14
N VAL B 305 -14.66 -11.21 -1.83
CA VAL B 305 -14.01 -12.40 -1.27
C VAL B 305 -14.71 -13.67 -1.75
N TYR B 306 -16.04 -13.67 -1.75
CA TYR B 306 -16.79 -14.84 -2.19
C TYR B 306 -16.53 -15.13 -3.66
N ALA B 307 -16.52 -14.10 -4.50
CA ALA B 307 -16.25 -14.30 -5.91
C ALA B 307 -14.85 -14.85 -6.12
N ALA B 308 -13.87 -14.30 -5.40
CA ALA B 308 -12.50 -14.80 -5.52
C ALA B 308 -12.38 -16.24 -5.03
N ALA B 309 -13.11 -16.58 -3.96
CA ALA B 309 -13.06 -17.95 -3.45
C ALA B 309 -13.65 -18.93 -4.43
N MET B 310 -14.79 -18.59 -5.06
CA MET B 310 -15.33 -19.46 -6.10
C MET B 310 -14.38 -19.56 -7.28
N ALA B 311 -13.77 -18.44 -7.68
CA ALA B 311 -12.81 -18.47 -8.79
C ALA B 311 -11.65 -19.40 -8.48
N TRP B 312 -11.10 -19.32 -7.27
CA TRP B 312 -9.99 -20.19 -6.89
C TRP B 312 -10.43 -21.64 -6.77
N ALA B 313 -11.66 -21.87 -6.35
CA ALA B 313 -12.10 -23.24 -6.13
C ALA B 313 -12.38 -23.97 -7.44
N ILE B 314 -13.04 -23.33 -8.40
CA ILE B 314 -13.63 -24.05 -9.52
C ILE B 314 -13.03 -23.70 -10.87
N ILE B 315 -12.33 -22.59 -11.04
CA ILE B 315 -11.77 -22.30 -12.36
C ILE B 315 -10.50 -23.13 -12.59
N PRO B 316 -9.45 -23.07 -11.72
CA PRO B 316 -8.28 -23.93 -11.96
C PRO B 316 -8.63 -25.41 -11.89
N HIS B 317 -9.20 -25.82 -10.77
CA HIS B 317 -9.34 -27.23 -10.46
C HIS B 317 -10.34 -27.91 -11.40
N TYR B 318 -9.99 -29.10 -11.86
CA TYR B 318 -10.87 -29.92 -12.67
C TYR B 318 -11.70 -30.89 -11.84
N GLY B 319 -11.48 -30.95 -10.53
CA GLY B 319 -12.28 -31.79 -9.66
C GLY B 319 -13.62 -31.21 -9.26
N TRP B 320 -13.83 -29.91 -9.51
CA TRP B 320 -15.09 -29.26 -9.15
C TRP B 320 -16.02 -29.06 -10.34
N SER B 321 -15.49 -29.03 -11.56
CA SER B 321 -16.30 -28.86 -12.76
C SER B 321 -15.88 -29.89 -13.80
N PHE B 322 -16.85 -30.38 -14.56
CA PHE B 322 -16.57 -31.37 -15.60
C PHE B 322 -17.56 -31.19 -16.74
N GLN B 323 -17.17 -31.66 -17.91
CA GLN B 323 -18.02 -31.57 -19.09
C GLN B 323 -19.11 -32.62 -19.04
N MET B 324 -20.36 -32.20 -19.27
CA MET B 324 -21.48 -33.13 -19.21
C MET B 324 -21.37 -34.18 -20.32
N GLY B 325 -21.00 -33.76 -21.53
CA GLY B 325 -20.86 -34.68 -22.64
C GLY B 325 -21.86 -34.44 -23.75
N SER B 326 -22.69 -35.45 -24.04
CA SER B 326 -23.65 -35.33 -25.13
C SER B 326 -24.82 -34.42 -24.74
N ALA B 327 -25.30 -34.53 -23.50
CA ALA B 327 -26.48 -33.77 -23.08
C ALA B 327 -26.19 -32.28 -23.04
N TYR B 328 -25.05 -31.89 -22.47
CA TYR B 328 -24.71 -30.48 -22.32
C TYR B 328 -23.20 -30.33 -22.33
N GLN B 329 -22.74 -29.08 -22.31
CA GLN B 329 -21.33 -28.73 -22.26
C GLN B 329 -21.09 -27.86 -21.04
N PHE B 330 -20.06 -28.17 -20.27
CA PHE B 330 -19.77 -27.45 -19.03
C PHE B 330 -18.26 -27.38 -18.83
N HIS B 331 -17.69 -26.20 -19.03
CA HIS B 331 -16.31 -25.91 -18.67
C HIS B 331 -16.28 -25.16 -17.34
N SER B 332 -15.07 -25.03 -16.78
CA SER B 332 -14.94 -24.34 -15.51
C SER B 332 -15.34 -22.87 -15.60
N TRP B 333 -15.33 -22.30 -16.80
CA TRP B 333 -15.76 -20.92 -17.00
C TRP B 333 -17.26 -20.77 -16.75
N ARG B 334 -18.06 -21.64 -17.36
CA ARG B 334 -19.51 -21.54 -17.24
C ARG B 334 -19.96 -21.76 -15.81
N VAL B 335 -19.39 -22.76 -15.13
CA VAL B 335 -19.74 -23.02 -13.74
C VAL B 335 -19.37 -21.84 -12.88
N PHE B 336 -18.23 -21.19 -13.19
CA PHE B 336 -17.83 -20.02 -12.43
C PHE B 336 -18.86 -18.90 -12.55
N VAL B 337 -19.28 -18.59 -13.78
CA VAL B 337 -20.25 -17.51 -13.97
C VAL B 337 -21.58 -17.88 -13.31
N LEU B 338 -22.00 -19.15 -13.45
CA LEU B 338 -23.26 -19.59 -12.87
C LEU B 338 -23.24 -19.46 -11.35
N VAL B 339 -22.14 -19.84 -10.71
CA VAL B 339 -22.07 -19.75 -9.25
C VAL B 339 -21.95 -18.30 -8.79
N CYS B 340 -21.21 -17.48 -9.55
CA CYS B 340 -21.14 -16.06 -9.20
C CYS B 340 -22.48 -15.35 -9.41
N ALA B 341 -23.40 -15.93 -10.16
CA ALA B 341 -24.73 -15.36 -10.28
C ALA B 341 -25.57 -15.53 -9.02
N PHE B 342 -25.18 -16.42 -8.11
CA PHE B 342 -25.98 -16.76 -6.91
C PHE B 342 -26.21 -15.62 -5.92
N PRO B 343 -25.20 -14.79 -5.60
CA PRO B 343 -25.49 -13.68 -4.67
C PRO B 343 -26.61 -12.79 -5.15
N SER B 344 -26.72 -12.56 -6.47
CA SER B 344 -27.79 -11.73 -7.00
C SER B 344 -29.15 -12.39 -6.80
N VAL B 345 -29.25 -13.70 -7.03
CA VAL B 345 -30.55 -14.36 -6.90
C VAL B 345 -30.94 -14.44 -5.43
N PHE B 346 -29.99 -14.64 -4.52
CA PHE B 346 -30.32 -14.56 -3.10
C PHE B 346 -30.72 -13.15 -2.69
N ALA B 347 -30.07 -12.13 -3.24
CA ALA B 347 -30.43 -10.76 -2.91
C ALA B 347 -31.85 -10.45 -3.38
N ILE B 348 -32.22 -10.89 -4.58
CA ILE B 348 -33.58 -10.64 -5.05
C ILE B 348 -34.58 -11.50 -4.29
N GLY B 349 -34.18 -12.69 -3.85
CA GLY B 349 -35.08 -13.50 -3.06
C GLY B 349 -35.37 -12.90 -1.69
N ALA B 350 -34.35 -12.31 -1.06
CA ALA B 350 -34.53 -11.72 0.26
C ALA B 350 -35.04 -10.29 0.22
N LEU B 351 -34.92 -9.61 -0.93
CA LEU B 351 -35.35 -8.22 -1.02
C LEU B 351 -36.87 -8.09 -1.08
N THR B 352 -37.58 -9.16 -1.41
CA THR B 352 -39.04 -9.09 -1.51
C THR B 352 -39.67 -8.80 -0.14
N THR B 353 -39.13 -9.38 0.92
CA THR B 353 -39.76 -9.27 2.23
C THR B 353 -39.76 -7.83 2.73
N GLN B 354 -38.67 -7.09 2.52
CA GLN B 354 -38.60 -5.72 2.99
C GLN B 354 -39.54 -4.82 2.18
N PRO B 355 -40.11 -3.80 2.80
CA PRO B 355 -41.03 -2.91 2.10
C PRO B 355 -40.32 -1.72 1.46
N GLU B 356 -41.08 -1.00 0.64
CA GLU B 356 -40.59 0.20 -0.02
C GLU B 356 -40.28 1.29 1.02
N SER B 357 -39.33 2.15 0.69
CA SER B 357 -38.91 3.20 1.60
C SER B 357 -40.08 4.13 1.92
N PRO B 358 -40.36 4.40 3.20
CA PRO B 358 -41.52 5.25 3.53
C PRO B 358 -41.43 6.65 2.98
N ARG B 359 -40.22 7.21 2.87
CA ARG B 359 -40.08 8.58 2.39
C ARG B 359 -40.59 8.72 0.96
N PHE B 360 -40.36 7.69 0.13
CA PHE B 360 -40.89 7.71 -1.23
C PHE B 360 -42.41 7.74 -1.21
N PHE B 361 -43.04 6.95 -0.34
CA PHE B 361 -44.50 6.97 -0.24
C PHE B 361 -44.99 8.34 0.21
N LEU B 362 -44.31 8.94 1.18
CA LEU B 362 -44.72 10.25 1.68
C LEU B 362 -44.60 11.32 0.60
N GLU B 363 -43.53 11.28 -0.18
CA GLU B 363 -43.33 12.28 -1.22
C GLU B 363 -44.26 12.07 -2.42
N ASN B 364 -44.64 10.82 -2.69
CA ASN B 364 -45.43 10.49 -3.87
C ASN B 364 -46.94 10.46 -3.57
N GLY B 365 -47.38 11.21 -2.57
CA GLY B 365 -48.79 11.27 -2.26
C GLY B 365 -49.40 9.94 -1.88
N LYS B 366 -48.66 9.13 -1.11
CA LYS B 366 -49.08 7.78 -0.75
C LYS B 366 -48.94 7.66 0.77
N HIS B 367 -50.07 7.77 1.48
CA HIS B 367 -50.02 7.95 2.93
C HIS B 367 -50.25 6.66 3.71
N ASP B 368 -51.23 5.85 3.31
CA ASP B 368 -51.60 4.68 4.11
C ASP B 368 -50.47 3.66 4.17
N GLU B 369 -49.84 3.36 3.03
CA GLU B 369 -48.74 2.41 3.03
C GLU B 369 -47.53 2.95 3.78
N ALA B 370 -47.38 4.27 3.86
CA ALA B 370 -46.34 4.83 4.72
C ALA B 370 -46.60 4.47 6.18
N TRP B 371 -47.85 4.59 6.62
CA TRP B 371 -48.21 4.16 7.97
C TRP B 371 -47.95 2.66 8.14
N MET B 372 -48.29 1.86 7.14
CA MET B 372 -48.06 0.42 7.22
C MET B 372 -46.58 0.11 7.40
N VAL B 373 -45.72 0.70 6.57
CA VAL B 373 -44.30 0.39 6.65
C VAL B 373 -43.71 0.89 7.96
N LEU B 374 -44.08 2.09 8.40
CA LEU B 374 -43.55 2.60 9.67
C LEU B 374 -44.02 1.75 10.85
N LYS B 375 -45.25 1.25 10.79
CA LYS B 375 -45.73 0.36 11.86
C LYS B 375 -44.93 -0.94 11.88
N GLN B 376 -44.71 -1.52 10.69
CA GLN B 376 -43.83 -2.67 10.59
C GLN B 376 -42.46 -2.36 11.21
N VAL B 377 -41.93 -1.18 10.92
CA VAL B 377 -40.60 -0.80 11.41
C VAL B 377 -40.57 -0.82 12.93
N HIS B 378 -41.52 -0.12 13.58
CA HIS B 378 -41.34 0.01 15.03
C HIS B 378 -41.62 -1.34 15.69
N ASP B 379 -42.61 -2.08 15.18
CA ASP B 379 -42.93 -3.37 15.79
C ASP B 379 -41.74 -4.32 15.70
N THR B 380 -41.13 -4.42 14.52
CA THR B 380 -40.01 -5.33 14.36
C THR B 380 -38.81 -4.87 15.19
N ASN B 381 -38.56 -3.57 15.26
CA ASN B 381 -37.45 -3.07 16.07
C ASN B 381 -37.69 -3.32 17.56
N MET B 382 -38.94 -3.22 18.00
CA MET B 382 -39.26 -3.07 19.40
C MET B 382 -39.78 -4.35 20.06
N ARG B 383 -40.06 -5.39 19.28
CA ARG B 383 -40.40 -6.67 19.89
C ARG B 383 -39.27 -7.20 20.75
N ALA B 384 -38.03 -7.02 20.30
CA ALA B 384 -36.88 -7.49 21.07
C ALA B 384 -36.49 -6.51 22.17
N LYS B 385 -36.14 -5.28 21.78
CA LYS B 385 -35.70 -4.25 22.71
C LYS B 385 -36.60 -3.03 22.59
N GLY B 386 -36.98 -2.46 23.74
CA GLY B 386 -37.84 -1.30 23.75
C GLY B 386 -39.13 -1.52 24.53
N HIS B 387 -39.27 -0.80 25.65
CA HIS B 387 -40.46 -0.94 26.47
C HIS B 387 -41.78 -0.63 25.75
N PRO B 388 -41.89 0.40 24.89
CA PRO B 388 -43.21 0.74 24.32
C PRO B 388 -43.84 -0.34 23.46
N GLU B 389 -43.21 -1.51 23.38
CA GLU B 389 -43.79 -2.63 22.65
C GLU B 389 -45.17 -3.00 23.18
N ARG B 390 -45.45 -2.71 24.45
CA ARG B 390 -46.74 -3.06 25.03
C ARG B 390 -47.88 -2.36 24.30
N VAL B 391 -47.74 -1.07 24.02
CA VAL B 391 -48.76 -0.31 23.31
C VAL B 391 -48.07 0.80 22.52
N PHE B 392 -48.54 1.02 21.29
CA PHE B 392 -47.99 2.02 20.39
C PHE B 392 -49.04 3.07 20.04
N SER B 393 -50.07 3.20 20.88
CA SER B 393 -51.32 3.85 20.49
C SER B 393 -51.10 5.31 20.08
N VAL B 394 -50.58 6.12 21.00
CA VAL B 394 -50.47 7.56 20.74
C VAL B 394 -49.51 7.81 19.59
N THR B 395 -48.46 7.01 19.47
CA THR B 395 -47.47 7.27 18.43
C THR B 395 -48.00 6.93 17.05
N HIS B 396 -48.73 5.81 16.90
CA HIS B 396 -49.30 5.55 15.59
C HIS B 396 -50.47 6.50 15.30
N ILE B 397 -51.12 7.01 16.35
CA ILE B 397 -52.13 8.05 16.15
C ILE B 397 -51.48 9.29 15.55
N LYS B 398 -50.33 9.69 16.08
CA LYS B 398 -49.59 10.81 15.49
C LYS B 398 -49.14 10.51 14.07
N THR B 399 -48.70 9.26 13.83
CA THR B 399 -48.23 8.89 12.50
C THR B 399 -49.36 8.96 11.47
N ILE B 400 -50.56 8.52 11.83
CA ILE B 400 -51.68 8.68 10.91
C ILE B 400 -52.13 10.13 10.87
N HIS B 401 -51.86 10.91 11.92
CA HIS B 401 -52.21 12.32 11.92
C HIS B 401 -51.39 13.10 10.89
N GLN B 402 -50.10 12.77 10.76
CA GLN B 402 -49.27 13.47 9.79
C GLN B 402 -49.66 13.07 8.38
N TRP B 416 -47.01 -2.82 -25.60
CA TRP B 416 -48.20 -2.17 -26.14
C TRP B 416 -48.08 -0.64 -26.06
N TYR B 417 -47.78 -0.02 -27.19
CA TYR B 417 -47.40 1.39 -27.24
C TYR B 417 -48.54 2.33 -26.88
N GLN B 418 -49.79 1.85 -26.79
CA GLN B 418 -50.89 2.75 -26.47
C GLN B 418 -50.78 3.29 -25.05
N ARG B 419 -50.14 2.56 -24.14
CA ARG B 419 -49.89 3.08 -22.80
C ARG B 419 -48.44 2.91 -22.38
N TRP B 420 -47.79 1.84 -22.83
CA TRP B 420 -46.39 1.62 -22.43
C TRP B 420 -45.47 2.69 -23.01
N GLY B 421 -45.67 3.06 -24.28
CA GLY B 421 -44.88 4.14 -24.85
C GLY B 421 -45.12 5.46 -24.14
N VAL B 422 -46.38 5.75 -23.81
CA VAL B 422 -46.72 7.01 -23.13
C VAL B 422 -46.08 7.04 -21.75
N ARG B 423 -46.16 5.94 -21.00
CA ARG B 423 -45.55 5.92 -19.67
C ARG B 423 -44.04 6.01 -19.75
N ALA B 424 -43.42 5.38 -20.76
CA ALA B 424 -41.98 5.49 -20.92
C ALA B 424 -41.57 6.92 -21.22
N LEU B 425 -42.32 7.60 -22.10
CA LEU B 425 -42.01 8.99 -22.41
C LEU B 425 -42.20 9.89 -21.19
N SER B 426 -43.26 9.64 -20.42
CA SER B 426 -43.49 10.44 -19.21
C SER B 426 -42.37 10.22 -18.20
N LEU B 427 -41.93 8.98 -18.01
CA LEU B 427 -40.82 8.70 -17.10
C LEU B 427 -39.55 9.38 -17.58
N GLY B 428 -39.29 9.36 -18.89
CA GLY B 428 -38.14 10.06 -19.42
C GLY B 428 -38.22 11.55 -19.17
N GLY B 429 -39.40 12.13 -19.34
CA GLY B 429 -39.57 13.55 -19.06
C GLY B 429 -39.33 13.89 -17.60
N GLN B 430 -39.85 13.05 -16.69
CA GLN B 430 -39.62 13.29 -15.26
C GLN B 430 -38.15 13.19 -14.92
N VAL B 431 -37.45 12.18 -15.45
CA VAL B 431 -36.03 12.02 -15.15
C VAL B 431 -35.24 13.18 -15.73
N TRP B 432 -35.59 13.64 -16.93
CA TRP B 432 -34.92 14.77 -17.52
C TRP B 432 -35.14 16.04 -16.70
N GLY B 433 -36.36 16.24 -16.21
CA GLY B 433 -36.62 17.38 -15.34
C GLY B 433 -35.81 17.33 -14.06
N ASN B 434 -35.73 16.16 -13.44
CA ASN B 434 -34.93 16.03 -12.22
C ASN B 434 -33.46 16.30 -12.49
N PHE B 435 -32.93 15.75 -13.59
CA PHE B 435 -31.52 15.93 -13.90
C PHE B 435 -31.20 17.38 -14.23
N LEU B 436 -32.09 18.06 -14.97
CA LEU B 436 -31.87 19.47 -15.26
C LEU B 436 -31.96 20.33 -14.00
N SER B 437 -32.92 20.03 -13.12
CA SER B 437 -33.03 20.75 -11.86
C SER B 437 -31.86 20.46 -10.93
N CYS B 438 -31.14 19.36 -11.16
CA CYS B 438 -29.91 19.10 -10.40
C CYS B 438 -28.85 20.16 -10.66
N PHE B 439 -28.96 20.93 -11.73
CA PHE B 439 -28.06 22.03 -12.03
C PHE B 439 -28.75 23.38 -11.95
N GLY B 440 -29.77 23.51 -11.10
CA GLY B 440 -30.49 24.75 -10.95
C GLY B 440 -29.77 25.69 -10.00
N PRO B 441 -30.36 26.86 -9.74
CA PRO B 441 -29.71 27.83 -8.86
C PRO B 441 -29.53 27.33 -7.44
N GLU B 442 -30.31 26.34 -7.01
CA GLU B 442 -30.14 25.80 -5.66
C GLU B 442 -28.84 25.01 -5.54
N TYR B 443 -28.57 24.12 -6.49
CA TYR B 443 -27.41 23.24 -6.44
C TYR B 443 -26.47 23.51 -7.62
N ARG B 444 -26.37 24.77 -8.03
CA ARG B 444 -25.47 25.12 -9.13
C ARG B 444 -24.02 24.80 -8.79
N ARG B 445 -23.61 25.06 -7.56
CA ARG B 445 -22.22 24.89 -7.15
C ARG B 445 -21.98 23.63 -6.32
N ILE B 446 -22.97 23.20 -5.54
CA ILE B 446 -22.76 22.04 -4.68
C ILE B 446 -22.56 20.78 -5.51
N THR B 447 -23.34 20.62 -6.59
CA THR B 447 -23.17 19.46 -7.46
C THR B 447 -21.80 19.47 -8.13
N LEU B 448 -21.32 20.65 -8.54
CA LEU B 448 -20.01 20.74 -9.16
C LEU B 448 -18.90 20.34 -8.19
N MET B 449 -18.97 20.86 -6.96
CA MET B 449 -17.97 20.48 -5.97
C MET B 449 -18.06 18.99 -5.64
N MET B 450 -19.27 18.44 -5.63
CA MET B 450 -19.43 17.01 -5.40
C MET B 450 -18.81 16.19 -6.55
N MET B 451 -18.96 16.68 -7.78
CA MET B 451 -18.28 16.07 -8.92
C MET B 451 -16.77 16.06 -8.70
N GLY B 452 -16.24 17.19 -8.24
CA GLY B 452 -14.80 17.25 -7.98
C GLY B 452 -14.36 16.25 -6.93
N VAL B 453 -15.13 16.14 -5.84
CA VAL B 453 -14.77 15.21 -4.78
C VAL B 453 -14.89 13.76 -5.24
N TRP B 454 -15.86 13.47 -6.12
CA TRP B 454 -15.97 12.12 -6.65
C TRP B 454 -14.82 11.80 -7.60
N PHE B 455 -14.42 12.78 -8.43
CA PHE B 455 -13.21 12.62 -9.24
C PHE B 455 -11.99 12.35 -8.36
N THR B 456 -11.93 12.99 -7.20
CA THR B 456 -10.87 12.71 -6.22
C THR B 456 -10.78 11.23 -5.90
N MET B 457 -11.92 10.54 -5.80
CA MET B 457 -11.93 9.16 -5.38
C MET B 457 -11.66 8.18 -6.51
N SER B 458 -12.00 8.56 -7.76
CA SER B 458 -11.98 7.61 -8.86
C SER B 458 -10.59 7.03 -9.14
N PHE B 459 -9.53 7.69 -8.71
CA PHE B 459 -8.18 7.24 -8.99
C PHE B 459 -7.64 6.26 -7.95
N SER B 460 -8.44 5.95 -6.92
CA SER B 460 -8.16 4.83 -6.04
C SER B 460 -9.04 3.63 -6.33
N TYR B 461 -10.29 3.88 -6.74
CA TYR B 461 -11.17 2.79 -7.16
C TYR B 461 -10.60 2.05 -8.36
N TYR B 462 -10.10 2.79 -9.35
CA TYR B 462 -9.46 2.16 -10.50
C TYR B 462 -8.26 1.34 -10.06
N GLY B 463 -7.40 1.94 -9.22
CA GLY B 463 -6.20 1.25 -8.78
C GLY B 463 -6.50 -0.05 -8.05
N LEU B 464 -7.52 -0.04 -7.20
CA LEU B 464 -7.83 -1.24 -6.44
C LEU B 464 -8.57 -2.28 -7.30
N THR B 465 -9.41 -1.85 -8.24
CA THR B 465 -10.25 -2.80 -8.95
C THR B 465 -9.60 -3.36 -10.21
N VAL B 466 -9.03 -2.51 -11.06
CA VAL B 466 -8.50 -2.93 -12.35
C VAL B 466 -6.98 -2.97 -12.36
N TRP B 467 -6.35 -1.95 -11.77
CA TRP B 467 -4.89 -1.86 -11.82
C TRP B 467 -4.22 -3.00 -11.05
N PHE B 468 -4.74 -3.31 -9.85
CA PHE B 468 -4.14 -4.36 -9.03
C PHE B 468 -4.15 -5.72 -9.71
N PRO B 469 -5.27 -6.25 -10.19
CA PRO B 469 -5.22 -7.56 -10.86
C PRO B 469 -4.53 -7.51 -12.22
N ASP B 470 -4.58 -6.38 -12.92
CA ASP B 470 -3.82 -6.26 -14.16
C ASP B 470 -2.33 -6.41 -13.89
N MET B 471 -1.83 -5.74 -12.85
CA MET B 471 -0.42 -5.84 -12.50
C MET B 471 -0.07 -7.25 -12.02
N ILE B 472 -0.94 -7.87 -11.22
CA ILE B 472 -0.69 -9.24 -10.77
C ILE B 472 -0.61 -10.18 -11.96
N ARG B 473 -1.53 -10.01 -12.92
CA ARG B 473 -1.54 -10.85 -14.12
C ARG B 473 -0.27 -10.64 -14.94
N HIS B 474 0.17 -9.39 -15.09
CA HIS B 474 1.38 -9.12 -15.84
C HIS B 474 2.61 -9.76 -15.18
N LEU B 475 2.69 -9.65 -13.85
CA LEU B 475 3.82 -10.25 -13.14
C LEU B 475 3.78 -11.78 -13.23
N GLN B 476 2.60 -12.37 -13.15
CA GLN B 476 2.50 -13.82 -13.34
C GLN B 476 2.85 -14.22 -14.77
N ALA B 477 2.50 -13.39 -15.74
CA ALA B 477 2.87 -13.66 -17.13
C ALA B 477 4.38 -13.64 -17.31
N VAL B 478 5.06 -12.65 -16.73
CA VAL B 478 6.52 -12.61 -16.88
C VAL B 478 7.16 -13.75 -16.11
N ASP B 479 6.59 -14.15 -14.97
CA ASP B 479 7.12 -15.30 -14.24
C ASP B 479 6.98 -16.59 -15.05
N TYR B 480 5.80 -16.81 -15.63
CA TYR B 480 5.57 -18.01 -16.43
C TYR B 480 6.36 -17.99 -17.74
N ALA B 481 6.72 -16.80 -18.23
CA ALA B 481 7.66 -16.74 -19.34
C ALA B 481 9.06 -17.09 -18.88
N SER B 482 9.44 -16.65 -17.68
CA SER B 482 10.78 -16.91 -17.16
C SER B 482 11.00 -18.40 -16.93
N ARG B 483 10.01 -19.09 -16.35
CA ARG B 483 10.18 -20.51 -16.11
C ARG B 483 10.29 -21.26 -17.43
N THR B 484 11.25 -22.19 -17.50
CA THR B 484 11.50 -22.95 -18.71
C THR B 484 11.81 -24.40 -18.34
N LYS B 485 11.58 -25.29 -19.30
CA LYS B 485 11.90 -26.71 -19.14
C LYS B 485 12.18 -27.27 -20.53
N VAL B 486 13.46 -27.39 -20.87
CA VAL B 486 13.89 -27.84 -22.20
C VAL B 486 14.50 -29.22 -22.07
N PHE B 487 13.99 -30.17 -22.84
CA PHE B 487 14.53 -31.52 -22.86
C PHE B 487 15.35 -31.71 -24.14
N PRO B 488 16.67 -31.82 -24.05
CA PRO B 488 17.46 -32.04 -25.27
C PRO B 488 17.10 -33.31 -26.02
N GLY B 489 16.74 -34.37 -25.30
CA GLY B 489 16.38 -35.62 -25.93
C GLY B 489 15.84 -36.59 -24.92
N GLU B 490 15.33 -37.70 -25.42
CA GLU B 490 14.74 -38.77 -24.61
C GLU B 490 15.26 -40.13 -25.05
N ARG B 491 16.57 -40.21 -25.27
CA ARG B 491 17.18 -41.45 -25.72
C ARG B 491 17.10 -42.52 -24.65
N VAL B 492 16.75 -43.74 -25.05
CA VAL B 492 16.62 -44.86 -24.12
C VAL B 492 16.78 -46.14 -24.92
N GLU B 493 17.29 -47.18 -24.27
CA GLU B 493 17.55 -48.46 -24.92
C GLU B 493 16.26 -49.28 -24.95
N HIS B 494 15.36 -48.90 -25.86
CA HIS B 494 14.12 -49.62 -26.15
C HIS B 494 13.35 -49.97 -24.88
N VAL B 495 13.25 -49.00 -23.97
CA VAL B 495 12.53 -49.15 -22.72
C VAL B 495 11.31 -48.25 -22.75
N THR B 496 10.13 -48.82 -22.49
CA THR B 496 8.90 -48.05 -22.53
C THR B 496 8.90 -47.01 -21.42
N PHE B 497 8.40 -45.82 -21.75
CA PHE B 497 8.32 -44.69 -20.82
C PHE B 497 6.85 -44.41 -20.55
N ASN B 498 6.33 -45.02 -19.50
CA ASN B 498 4.93 -44.85 -19.10
C ASN B 498 4.72 -43.65 -18.18
N PHE B 499 5.79 -42.97 -17.77
CA PHE B 499 5.66 -41.84 -16.86
C PHE B 499 5.09 -40.63 -17.59
N THR B 500 4.57 -39.69 -16.81
CA THR B 500 3.96 -38.47 -17.33
C THR B 500 4.89 -37.30 -17.11
N LEU B 501 5.10 -36.49 -18.14
CA LEU B 501 5.93 -35.31 -18.07
C LEU B 501 5.20 -34.12 -18.66
N GLU B 502 5.56 -32.92 -18.19
CA GLU B 502 4.92 -31.68 -18.62
C GLU B 502 5.99 -30.68 -19.01
N ASN B 503 5.59 -29.72 -19.85
CA ASN B 503 6.47 -28.64 -20.32
C ASN B 503 7.71 -29.21 -21.02
N GLN B 504 7.47 -29.92 -22.11
CA GLN B 504 8.54 -30.51 -22.92
C GLN B 504 8.82 -29.61 -24.12
N ILE B 505 10.02 -29.07 -24.19
CA ILE B 505 10.45 -28.23 -25.30
C ILE B 505 11.78 -28.77 -25.82
N HIS B 506 11.88 -28.97 -27.13
CA HIS B 506 13.08 -29.48 -27.77
C HIS B 506 13.65 -28.41 -28.69
N ARG B 507 14.94 -28.14 -28.53
CA ARG B 507 15.66 -27.15 -29.35
C ARG B 507 16.74 -27.90 -30.13
N GLY B 508 16.45 -28.24 -31.38
CA GLY B 508 17.41 -28.95 -32.19
C GLY B 508 17.61 -30.41 -31.83
N GLY B 509 16.66 -31.00 -31.10
CA GLY B 509 16.79 -32.39 -30.73
C GLY B 509 16.70 -33.31 -31.94
N GLN B 510 17.43 -34.42 -31.87
CA GLN B 510 17.47 -35.40 -32.94
C GLN B 510 17.13 -36.77 -32.38
N TYR B 511 16.34 -37.52 -33.14
CA TYR B 511 15.95 -38.88 -32.79
C TYR B 511 16.48 -39.83 -33.85
N PHE B 512 17.17 -40.89 -33.42
CA PHE B 512 17.77 -41.85 -34.34
C PHE B 512 16.78 -42.93 -34.75
N ASN B 513 15.62 -42.51 -35.25
CA ASN B 513 14.59 -43.42 -35.75
C ASN B 513 14.18 -44.44 -34.69
N ASP B 514 14.03 -43.98 -33.46
CA ASP B 514 13.62 -44.82 -32.34
C ASP B 514 12.18 -44.49 -31.97
N LYS B 515 11.35 -45.53 -31.85
CA LYS B 515 9.94 -45.37 -31.53
C LYS B 515 9.78 -45.32 -30.00
N PHE B 516 9.16 -44.25 -29.52
CA PHE B 516 8.93 -44.06 -28.09
C PHE B 516 7.44 -44.11 -27.80
N ILE B 517 7.06 -44.95 -26.84
CA ILE B 517 5.68 -45.13 -26.45
C ILE B 517 5.46 -44.52 -25.07
N GLY B 518 4.38 -43.78 -24.91
CA GLY B 518 4.07 -43.11 -23.66
C GLY B 518 4.46 -41.65 -23.60
N LEU B 519 4.83 -41.03 -24.72
CA LEU B 519 5.17 -39.62 -24.71
C LEU B 519 3.96 -38.77 -24.37
N ARG B 520 4.18 -37.70 -23.61
CA ARG B 520 3.13 -36.80 -23.17
C ARG B 520 3.38 -35.42 -23.72
N LEU B 521 2.35 -34.80 -24.28
CA LEU B 521 2.44 -33.47 -24.89
C LEU B 521 1.54 -32.51 -24.10
N LYS B 522 2.11 -31.93 -23.04
CA LYS B 522 1.42 -30.94 -22.23
C LYS B 522 2.30 -29.70 -22.13
N SER B 523 1.74 -28.54 -22.47
CA SER B 523 2.47 -27.28 -22.49
C SER B 523 3.74 -27.40 -23.33
N VAL B 524 3.60 -27.98 -24.51
CA VAL B 524 4.71 -28.30 -25.38
C VAL B 524 4.74 -27.29 -26.52
N SER B 525 5.88 -26.62 -26.69
CA SER B 525 6.10 -25.66 -27.78
C SER B 525 7.47 -25.96 -28.37
N PHE B 526 7.50 -26.84 -29.37
CA PHE B 526 8.76 -27.26 -29.99
C PHE B 526 9.25 -26.20 -30.96
N GLU B 527 10.55 -26.28 -31.28
CA GLU B 527 11.17 -25.37 -32.22
C GLU B 527 12.40 -26.04 -32.83
N ASP B 528 12.48 -26.02 -34.17
CA ASP B 528 13.63 -26.57 -34.90
C ASP B 528 13.90 -28.02 -34.50
N SER B 529 12.85 -28.82 -34.41
CA SER B 529 12.95 -30.20 -33.98
C SER B 529 12.34 -31.12 -35.02
N LEU B 530 12.89 -32.33 -35.12
CA LEU B 530 12.42 -33.34 -36.05
C LEU B 530 12.14 -34.63 -35.30
N PHE B 531 11.12 -35.36 -35.75
CA PHE B 531 10.71 -36.62 -35.17
C PHE B 531 10.79 -37.71 -36.21
N GLU B 532 11.23 -38.89 -35.80
CA GLU B 532 11.43 -40.03 -36.71
C GLU B 532 10.74 -41.25 -36.12
N GLU B 533 9.53 -41.55 -36.61
CA GLU B 533 8.75 -42.71 -36.18
C GLU B 533 8.55 -42.72 -34.68
N CYS B 534 8.24 -41.56 -34.11
CA CYS B 534 7.99 -41.42 -32.68
C CYS B 534 6.50 -41.31 -32.37
N TYR B 535 5.65 -41.96 -33.16
CA TYR B 535 4.22 -41.89 -32.96
C TYR B 535 3.79 -42.62 -31.69
N PHE B 536 2.75 -42.10 -31.05
CA PHE B 536 2.18 -42.71 -29.86
C PHE B 536 0.67 -42.74 -29.98
N GLU B 537 0.08 -43.89 -29.65
CA GLU B 537 -1.37 -44.04 -29.70
C GLU B 537 -2.02 -43.34 -28.52
N ASP B 538 -3.18 -42.71 -28.79
CA ASP B 538 -3.96 -42.02 -27.76
C ASP B 538 -3.13 -40.97 -27.03
N VAL B 539 -2.32 -40.21 -27.77
CA VAL B 539 -1.50 -39.18 -27.16
C VAL B 539 -2.38 -37.98 -26.80
N THR B 540 -2.11 -37.38 -25.65
CA THR B 540 -2.86 -36.23 -25.16
C THR B 540 -2.10 -34.96 -25.47
N SER B 541 -2.76 -34.04 -26.18
CA SER B 541 -2.15 -32.78 -26.61
C SER B 541 -2.71 -31.64 -25.78
N SER B 542 -1.82 -30.79 -25.27
CA SER B 542 -2.22 -29.62 -24.50
C SER B 542 -1.24 -28.49 -24.79
N ASN B 543 -1.78 -27.31 -25.15
CA ASN B 543 -0.97 -26.13 -25.44
C ASN B 543 0.08 -26.43 -26.51
N THR B 544 -0.35 -27.14 -27.56
CA THR B 544 0.56 -27.50 -28.64
C THR B 544 0.72 -26.31 -29.58
N PHE B 545 1.91 -25.70 -29.57
CA PHE B 545 2.24 -24.58 -30.45
C PHE B 545 3.52 -24.98 -31.20
N PHE B 546 3.34 -25.64 -32.34
CA PHE B 546 4.47 -26.13 -33.13
C PHE B 546 4.75 -25.15 -34.27
N ARG B 547 6.03 -24.78 -34.41
CA ARG B 547 6.45 -23.88 -35.47
C ARG B 547 7.89 -24.21 -35.86
N ASN B 548 8.16 -24.23 -37.16
CA ASN B 548 9.49 -24.52 -37.70
C ASN B 548 10.00 -25.88 -37.22
N CYS B 549 9.09 -26.86 -37.16
CA CYS B 549 9.44 -28.22 -36.76
C CYS B 549 8.72 -29.19 -37.69
N THR B 550 9.30 -30.38 -37.84
CA THR B 550 8.77 -31.39 -38.75
C THR B 550 8.56 -32.70 -38.01
N PHE B 551 7.63 -33.51 -38.54
CA PHE B 551 7.23 -34.78 -37.96
C PHE B 551 7.15 -35.86 -39.03
N ILE B 552 8.23 -35.97 -39.83
CA ILE B 552 8.25 -36.92 -40.94
C ILE B 552 8.01 -38.33 -40.41
N ASN B 553 7.10 -39.05 -41.06
CA ASN B 553 6.75 -40.42 -40.71
C ASN B 553 6.29 -40.53 -39.25
N THR B 554 5.48 -39.57 -38.82
CA THR B 554 4.92 -39.56 -37.48
C THR B 554 3.46 -39.16 -37.54
N VAL B 555 2.59 -40.00 -36.99
CA VAL B 555 1.15 -39.78 -36.99
C VAL B 555 0.66 -39.74 -35.55
N PHE B 556 -0.07 -38.68 -35.20
CA PHE B 556 -0.58 -38.50 -33.85
C PHE B 556 -2.10 -38.59 -33.85
N TYR B 557 -2.66 -39.01 -32.72
CA TYR B 557 -4.09 -39.20 -32.55
C TYR B 557 -4.61 -38.30 -31.43
N ASN B 558 -5.77 -37.71 -31.66
CA ASN B 558 -6.45 -36.86 -30.67
C ASN B 558 -5.57 -35.70 -30.24
N THR B 559 -5.25 -34.84 -31.20
CA THR B 559 -4.40 -33.67 -30.96
C THR B 559 -5.18 -32.39 -31.26
N ASP B 560 -4.78 -31.32 -30.57
CA ASP B 560 -5.40 -30.01 -30.75
C ASP B 560 -4.83 -29.24 -31.93
N LEU B 561 -3.84 -29.79 -32.63
CA LEU B 561 -3.23 -29.10 -33.75
C LEU B 561 -4.27 -28.83 -34.84
N PHE B 562 -4.16 -27.65 -35.45
CA PHE B 562 -5.06 -27.22 -36.52
C PHE B 562 -4.23 -26.71 -37.68
N GLU B 563 -4.91 -26.32 -38.75
CA GLU B 563 -4.22 -25.82 -39.95
C GLU B 563 -3.44 -24.55 -39.64
N TYR B 564 -4.02 -23.62 -38.89
CA TYR B 564 -3.35 -22.37 -38.59
C TYR B 564 -2.23 -22.55 -37.59
N LYS B 565 -2.32 -23.57 -36.73
CA LYS B 565 -1.26 -23.80 -35.74
C LYS B 565 0.02 -24.29 -36.40
N PHE B 566 -0.10 -25.09 -37.45
CA PHE B 566 1.05 -25.67 -38.15
C PHE B 566 1.16 -24.99 -39.51
N VAL B 567 1.96 -23.91 -39.56
CA VAL B 567 2.22 -23.19 -40.79
C VAL B 567 3.71 -22.85 -40.85
N ASN B 568 4.19 -22.61 -42.08
CA ASN B 568 5.58 -22.23 -42.33
C ASN B 568 6.56 -23.26 -41.74
N SER B 569 6.27 -24.53 -41.96
CA SER B 569 7.14 -25.61 -41.49
C SER B 569 7.11 -26.75 -42.49
N ARG B 570 8.25 -27.41 -42.66
CA ARG B 570 8.33 -28.53 -43.59
C ARG B 570 7.53 -29.71 -43.08
N LEU B 571 6.82 -30.37 -44.00
CA LEU B 571 6.02 -31.54 -43.64
C LEU B 571 5.85 -32.41 -44.89
N ILE B 572 5.97 -33.72 -44.71
CA ILE B 572 5.75 -34.69 -45.77
C ILE B 572 4.88 -35.80 -45.21
N ASN B 573 3.73 -36.05 -45.84
CA ASN B 573 2.79 -37.08 -45.40
C ASN B 573 2.39 -36.89 -43.94
N SER B 574 2.25 -35.63 -43.53
CA SER B 574 1.91 -35.30 -42.14
C SER B 574 0.39 -35.28 -41.99
N THR B 575 -0.19 -36.48 -42.03
CA THR B 575 -1.62 -36.68 -41.88
C THR B 575 -1.89 -37.38 -40.55
N PHE B 576 -2.74 -36.78 -39.73
CA PHE B 576 -3.06 -37.29 -38.41
C PHE B 576 -4.46 -37.89 -38.42
N LEU B 577 -4.58 -39.13 -37.94
CA LEU B 577 -5.84 -39.85 -37.93
C LEU B 577 -6.52 -39.71 -36.57
N HIS B 578 -7.84 -39.89 -36.58
CA HIS B 578 -8.66 -39.78 -35.37
C HIS B 578 -8.46 -38.42 -34.71
N ASN B 579 -8.32 -37.38 -35.52
CA ASN B 579 -8.04 -36.04 -35.02
C ASN B 579 -9.31 -35.40 -34.48
N LYS B 580 -9.16 -34.67 -33.37
CA LYS B 580 -10.28 -33.98 -32.73
C LYS B 580 -10.45 -32.56 -33.27
N GLU B 581 -10.55 -32.44 -34.60
CA GLU B 581 -10.75 -31.13 -35.21
C GLU B 581 -12.18 -30.63 -34.97
N GLY B 582 -12.30 -29.33 -34.80
CA GLY B 582 -13.59 -28.71 -34.55
C GLY B 582 -13.42 -27.46 -33.70
N CYS B 583 -14.42 -27.21 -32.88
CA CYS B 583 -14.40 -26.04 -32.00
C CYS B 583 -13.28 -26.17 -30.98
N PRO B 584 -12.43 -25.15 -30.82
CA PRO B 584 -11.33 -25.27 -29.86
C PRO B 584 -11.80 -25.30 -28.42
N LEU B 585 -11.60 -26.45 -27.76
CA LEU B 585 -11.98 -26.67 -26.36
C LEU B 585 -10.81 -27.31 -25.62
N ASP B 586 -9.62 -26.75 -25.80
CA ASP B 586 -8.42 -27.35 -25.25
C ASP B 586 -8.42 -27.29 -23.72
N VAL B 587 -8.19 -28.43 -23.09
CA VAL B 587 -8.05 -28.49 -21.64
C VAL B 587 -6.65 -28.02 -21.27
N THR B 588 -6.57 -27.29 -20.15
CA THR B 588 -5.32 -26.66 -19.72
C THR B 588 -4.75 -25.75 -20.79
N GLY B 589 -5.62 -25.12 -21.57
CA GLY B 589 -5.20 -24.25 -22.65
C GLY B 589 -5.10 -22.79 -22.22
N THR B 590 -4.15 -22.51 -21.33
CA THR B 590 -3.84 -21.19 -20.79
C THR B 590 -4.94 -20.63 -19.89
N GLY B 591 -6.07 -21.32 -19.75
CA GLY B 591 -7.06 -20.92 -18.77
C GLY B 591 -6.69 -21.34 -17.37
N GLU B 592 -5.89 -22.40 -17.24
CA GLU B 592 -5.34 -22.84 -15.97
C GLU B 592 -4.05 -22.10 -15.61
N GLY B 593 -3.58 -21.22 -16.50
CA GLY B 593 -2.34 -20.50 -16.27
C GLY B 593 -2.44 -19.35 -15.30
N ALA B 594 -3.64 -19.04 -14.80
CA ALA B 594 -3.84 -17.98 -13.83
C ALA B 594 -4.25 -18.51 -12.46
N TYR B 595 -3.91 -19.78 -12.16
CA TYR B 595 -4.20 -20.35 -10.85
C TYR B 595 -3.61 -19.49 -9.74
N MET B 596 -2.34 -19.11 -9.88
CA MET B 596 -1.71 -18.30 -8.87
C MET B 596 -2.33 -16.91 -8.81
N VAL B 597 -2.79 -16.40 -9.96
CA VAL B 597 -3.47 -15.11 -9.98
C VAL B 597 -4.72 -15.17 -9.13
N TYR B 598 -5.52 -16.23 -9.31
CA TYR B 598 -6.76 -16.35 -8.55
C TYR B 598 -6.48 -16.55 -7.07
N PHE B 599 -5.45 -17.33 -6.74
CA PHE B 599 -5.11 -17.55 -5.34
C PHE B 599 -4.67 -16.25 -4.68
N VAL B 600 -3.85 -15.47 -5.38
CA VAL B 600 -3.43 -14.16 -4.88
C VAL B 600 -4.63 -13.25 -4.67
N SER B 601 -5.54 -13.20 -5.64
CA SER B 601 -6.71 -12.35 -5.49
C SER B 601 -7.55 -12.78 -4.29
N PHE B 602 -7.71 -14.10 -4.13
CA PHE B 602 -8.50 -14.62 -3.02
C PHE B 602 -7.91 -14.22 -1.68
N LEU B 603 -6.61 -14.50 -1.47
CA LEU B 603 -6.02 -14.18 -0.17
C LEU B 603 -5.87 -12.67 0.04
N GLY B 604 -5.62 -11.92 -1.03
CA GLY B 604 -5.56 -10.47 -0.89
C GLY B 604 -6.89 -9.89 -0.43
N THR B 605 -7.99 -10.30 -1.05
CA THR B 605 -9.30 -9.80 -0.63
C THR B 605 -9.68 -10.32 0.76
N LEU B 606 -9.39 -11.59 1.04
CA LEU B 606 -9.72 -12.14 2.35
C LEU B 606 -8.99 -11.41 3.46
N ALA B 607 -7.73 -11.06 3.23
CA ALA B 607 -7.00 -10.29 4.23
C ALA B 607 -7.40 -8.83 4.24
N VAL B 608 -7.84 -8.28 3.10
CA VAL B 608 -8.38 -6.92 3.11
C VAL B 608 -9.56 -6.85 4.06
N LEU B 609 -10.35 -7.93 4.12
CA LEU B 609 -11.58 -7.91 4.92
C LEU B 609 -11.37 -7.51 6.38
N PRO B 610 -10.42 -8.09 7.14
CA PRO B 610 -10.27 -7.63 8.54
C PRO B 610 -9.59 -6.28 8.67
N GLY B 611 -8.61 -5.97 7.81
CA GLY B 611 -8.09 -4.61 7.77
C GLY B 611 -9.18 -3.62 7.46
N ASN B 612 -10.12 -4.00 6.59
CA ASN B 612 -11.28 -3.16 6.32
C ASN B 612 -12.17 -3.04 7.56
N ILE B 613 -12.32 -4.12 8.32
CA ILE B 613 -13.07 -4.03 9.58
C ILE B 613 -12.46 -2.96 10.47
N VAL B 614 -11.13 -3.01 10.64
CA VAL B 614 -10.44 -2.07 11.51
C VAL B 614 -10.63 -0.65 11.00
N SER B 615 -10.38 -0.43 9.71
CA SER B 615 -10.43 0.93 9.16
C SER B 615 -11.85 1.50 9.21
N ALA B 616 -12.87 0.67 8.94
CA ALA B 616 -14.24 1.15 9.00
C ALA B 616 -14.66 1.44 10.44
N LEU B 617 -14.26 0.59 11.39
CA LEU B 617 -14.56 0.85 12.79
C LEU B 617 -13.83 2.08 13.29
N LEU B 618 -12.72 2.43 12.66
CA LEU B 618 -11.88 3.53 13.12
C LEU B 618 -12.29 4.87 12.53
N MET B 619 -12.69 4.90 11.26
CA MET B 619 -12.97 6.17 10.60
C MET B 619 -14.17 6.88 11.21
N ASP B 620 -15.10 6.14 11.81
CA ASP B 620 -16.27 6.77 12.40
C ASP B 620 -15.92 7.68 13.57
N LYS B 621 -14.70 7.56 14.11
CA LYS B 621 -14.32 8.39 15.24
C LYS B 621 -14.03 9.82 14.80
N ILE B 622 -13.39 9.99 13.64
CA ILE B 622 -13.10 11.33 13.13
C ILE B 622 -14.41 12.06 12.86
N GLY B 623 -14.40 13.37 13.06
CA GLY B 623 -15.57 14.17 12.77
C GLY B 623 -15.89 14.18 11.29
N ARG B 624 -17.18 14.39 10.98
CA ARG B 624 -17.63 14.33 9.59
C ARG B 624 -17.00 15.41 8.73
N LEU B 625 -16.42 16.45 9.34
CA LEU B 625 -15.76 17.50 8.59
C LEU B 625 -14.38 17.09 8.08
N ARG B 626 -13.85 15.96 8.55
CA ARG B 626 -12.51 15.53 8.16
C ARG B 626 -12.48 14.13 7.55
N MET B 627 -13.62 13.45 7.42
CA MET B 627 -13.63 12.16 6.75
C MET B 627 -13.22 12.29 5.29
N LEU B 628 -13.71 13.35 4.62
CA LEU B 628 -13.32 13.54 3.22
C LEU B 628 -11.90 14.06 3.08
N ALA B 629 -11.39 14.79 4.09
CA ALA B 629 -9.97 15.11 4.10
C ALA B 629 -9.13 13.85 4.23
N GLY B 630 -9.54 12.93 5.09
CA GLY B 630 -8.87 11.64 5.17
C GLY B 630 -8.98 10.88 3.86
N SER B 631 -10.10 11.03 3.16
CA SER B 631 -10.25 10.42 1.85
C SER B 631 -9.23 10.97 0.86
N SER B 632 -9.05 12.30 0.86
CA SER B 632 -8.05 12.89 -0.03
C SER B 632 -6.65 12.45 0.33
N VAL B 633 -6.36 12.33 1.64
CA VAL B 633 -5.05 11.85 2.07
C VAL B 633 -4.83 10.41 1.62
N MET B 634 -5.86 9.57 1.78
CA MET B 634 -5.77 8.17 1.34
C MET B 634 -5.52 8.09 -0.15
N SER B 635 -6.24 8.90 -0.94
CA SER B 635 -6.04 8.89 -2.38
C SER B 635 -4.63 9.36 -2.74
N CYS B 636 -4.12 10.37 -2.04
CA CYS B 636 -2.76 10.85 -2.29
C CYS B 636 -1.73 9.76 -2.01
N VAL B 637 -1.89 9.04 -0.90
CA VAL B 637 -0.94 7.96 -0.60
C VAL B 637 -1.08 6.81 -1.59
N SER B 638 -2.33 6.52 -2.00
CA SER B 638 -2.54 5.47 -2.99
C SER B 638 -1.84 5.80 -4.29
N CYS B 639 -1.94 7.05 -4.76
CA CYS B 639 -1.26 7.44 -5.98
C CYS B 639 0.26 7.46 -5.79
N PHE B 640 0.72 7.91 -4.62
CA PHE B 640 2.16 7.94 -4.38
C PHE B 640 2.75 6.54 -4.39
N PHE B 641 1.98 5.54 -3.98
CA PHE B 641 2.43 4.17 -4.24
C PHE B 641 2.27 3.75 -5.69
N LEU B 642 1.10 4.00 -6.29
CA LEU B 642 0.86 3.48 -7.63
C LEU B 642 1.88 4.02 -8.63
N SER B 643 2.52 5.13 -8.33
CA SER B 643 3.68 5.55 -9.11
C SER B 643 4.86 4.59 -8.94
N PHE B 644 4.81 3.70 -7.96
CA PHE B 644 5.86 2.71 -7.70
C PHE B 644 5.24 1.32 -7.72
N GLY B 645 5.13 0.71 -8.89
CA GLY B 645 4.79 -0.70 -8.95
C GLY B 645 5.81 -1.52 -9.71
N ASN B 646 6.57 -2.35 -9.00
CA ASN B 646 7.61 -3.15 -9.66
C ASN B 646 7.78 -4.56 -9.11
N SER B 647 6.97 -5.00 -8.16
CA SER B 647 7.17 -6.29 -7.50
C SER B 647 5.84 -7.00 -7.32
N GLU B 648 5.92 -8.30 -7.03
CA GLU B 648 4.73 -9.15 -6.90
C GLU B 648 4.26 -9.27 -5.45
N SER B 649 5.07 -9.89 -4.59
CA SER B 649 4.66 -10.12 -3.20
C SER B 649 4.52 -8.81 -2.44
N ALA B 650 5.44 -7.87 -2.66
CA ALA B 650 5.34 -6.57 -2.01
C ALA B 650 4.06 -5.85 -2.41
N MET B 651 3.70 -5.90 -3.69
CA MET B 651 2.49 -5.26 -4.15
C MET B 651 1.25 -5.95 -3.59
N ILE B 652 1.26 -7.29 -3.54
CA ILE B 652 0.19 -8.03 -2.87
C ILE B 652 -0.03 -7.47 -1.47
N ALA B 653 1.04 -7.47 -0.67
CA ALA B 653 0.91 -7.09 0.73
C ALA B 653 0.46 -5.65 0.89
N LEU B 654 1.06 -4.73 0.13
CA LEU B 654 0.74 -3.32 0.31
C LEU B 654 -0.63 -2.96 -0.22
N LEU B 655 -0.99 -3.44 -1.42
CA LEU B 655 -2.33 -3.14 -1.90
C LEU B 655 -3.39 -3.84 -1.06
N CYS B 656 -3.05 -4.96 -0.43
CA CYS B 656 -3.99 -5.58 0.49
C CYS B 656 -4.18 -4.73 1.75
N LEU B 657 -3.09 -4.30 2.38
CA LEU B 657 -3.25 -3.50 3.59
C LEU B 657 -3.76 -2.10 3.28
N PHE B 658 -3.74 -1.68 2.02
CA PHE B 658 -4.30 -0.40 1.62
C PHE B 658 -5.74 -0.49 1.16
N GLY B 659 -6.18 -1.68 0.74
CA GLY B 659 -7.59 -1.85 0.41
C GLY B 659 -8.50 -1.53 1.58
N GLY B 660 -8.07 -1.89 2.79
CA GLY B 660 -8.88 -1.58 3.96
C GLY B 660 -9.15 -0.10 4.11
N VAL B 661 -8.08 0.71 4.07
CA VAL B 661 -8.26 2.14 4.27
C VAL B 661 -9.00 2.75 3.08
N SER B 662 -8.72 2.28 1.86
CA SER B 662 -9.40 2.85 0.69
C SER B 662 -10.89 2.57 0.73
N ILE B 663 -11.27 1.33 1.02
CA ILE B 663 -12.68 0.96 1.01
C ILE B 663 -13.41 1.59 2.19
N ALA B 664 -12.75 1.68 3.35
CA ALA B 664 -13.36 2.36 4.49
C ALA B 664 -13.52 3.85 4.22
N SER B 665 -12.65 4.41 3.39
CA SER B 665 -12.72 5.83 3.09
C SER B 665 -13.70 6.17 1.98
N TRP B 666 -14.00 5.23 1.10
CA TRP B 666 -15.01 5.49 0.06
C TRP B 666 -16.38 5.74 0.67
N ASN B 667 -16.74 4.99 1.71
CA ASN B 667 -18.05 5.15 2.30
C ASN B 667 -18.23 6.50 2.98
N ALA B 668 -17.14 7.16 3.36
CA ALA B 668 -17.25 8.53 3.87
C ALA B 668 -17.80 9.46 2.79
N LEU B 669 -17.24 9.38 1.59
CA LEU B 669 -17.76 10.16 0.47
C LEU B 669 -19.19 9.75 0.13
N ASP B 670 -19.48 8.44 0.19
CA ASP B 670 -20.83 7.99 -0.10
C ASP B 670 -21.84 8.57 0.90
N VAL B 671 -21.50 8.56 2.18
CA VAL B 671 -22.38 9.12 3.21
C VAL B 671 -22.55 10.62 2.99
N LEU B 672 -21.45 11.32 2.67
CA LEU B 672 -21.55 12.75 2.43
C LEU B 672 -22.47 13.05 1.26
N THR B 673 -22.39 12.26 0.19
CA THR B 673 -23.29 12.44 -0.95
C THR B 673 -24.72 12.13 -0.57
N VAL B 674 -24.93 11.12 0.27
CA VAL B 674 -26.29 10.70 0.63
C VAL B 674 -26.99 11.79 1.44
N GLU B 675 -26.32 12.31 2.48
CA GLU B 675 -26.98 13.23 3.40
C GLU B 675 -27.37 14.53 2.73
N LEU B 676 -26.51 15.04 1.84
CA LEU B 676 -26.67 16.41 1.35
C LEU B 676 -27.88 16.54 0.44
N TYR B 677 -28.04 15.61 -0.51
CA TYR B 677 -29.06 15.77 -1.52
C TYR B 677 -30.45 15.47 -0.95
N PRO B 678 -31.48 16.16 -1.43
CA PRO B 678 -32.83 15.93 -0.91
C PRO B 678 -33.34 14.54 -1.30
N SER B 679 -34.27 14.04 -0.47
CA SER B 679 -34.80 12.70 -0.68
C SER B 679 -35.47 12.54 -2.04
N ASP B 680 -36.02 13.63 -2.59
CA ASP B 680 -36.59 13.56 -3.93
C ASP B 680 -35.50 13.36 -4.98
N LYS B 681 -34.36 14.04 -4.83
CA LYS B 681 -33.29 14.01 -5.80
C LYS B 681 -32.08 13.21 -5.34
N ARG B 682 -32.18 12.50 -4.21
CA ARG B 682 -31.03 11.79 -3.69
C ARG B 682 -30.54 10.73 -4.65
N THR B 683 -31.46 9.93 -5.20
CA THR B 683 -31.05 8.81 -6.04
C THR B 683 -30.52 9.29 -7.39
N THR B 684 -31.17 10.26 -8.08
CA THR B 684 -30.62 10.83 -9.33
C THR B 684 -29.25 11.33 -9.07
N ALA B 685 -29.06 12.23 -8.12
CA ALA B 685 -27.74 12.83 -7.96
C ALA B 685 -26.69 11.79 -7.61
N PHE B 686 -27.03 10.85 -6.73
CA PHE B 686 -26.07 9.80 -6.38
C PHE B 686 -25.70 8.96 -7.60
N GLY B 687 -26.71 8.59 -8.40
CA GLY B 687 -26.43 7.80 -9.59
C GLY B 687 -25.65 8.57 -10.63
N PHE B 688 -25.92 9.88 -10.75
CA PHE B 688 -25.17 10.70 -11.70
C PHE B 688 -23.71 10.82 -11.30
N LEU B 689 -23.44 11.06 -10.01
CA LEU B 689 -22.06 11.15 -9.56
C LEU B 689 -21.36 9.80 -9.66
N ASN B 690 -22.07 8.71 -9.40
CA ASN B 690 -21.47 7.39 -9.56
C ASN B 690 -21.23 7.09 -11.03
N ALA B 691 -22.08 7.60 -11.91
CA ALA B 691 -21.86 7.43 -13.34
C ALA B 691 -20.62 8.20 -13.80
N LEU B 692 -20.37 9.36 -13.23
CA LEU B 692 -19.13 10.07 -13.56
C LEU B 692 -17.91 9.40 -12.94
N CYS B 693 -18.04 8.79 -11.76
CA CYS B 693 -16.95 7.96 -11.24
C CYS B 693 -16.64 6.80 -12.17
N LYS B 694 -17.68 6.13 -12.68
CA LYS B 694 -17.48 5.05 -13.62
C LYS B 694 -16.94 5.54 -14.96
N LEU B 695 -17.35 6.73 -15.39
CA LEU B 695 -16.79 7.30 -16.61
C LEU B 695 -15.31 7.60 -16.46
N ALA B 696 -14.91 8.15 -15.31
CA ALA B 696 -13.49 8.37 -15.06
C ALA B 696 -12.72 7.05 -15.02
N ALA B 697 -13.31 6.03 -14.40
CA ALA B 697 -12.65 4.72 -14.36
C ALA B 697 -12.50 4.14 -15.76
N VAL B 698 -13.53 4.24 -16.59
CA VAL B 698 -13.44 3.63 -17.92
C VAL B 698 -12.56 4.46 -18.84
N LEU B 699 -12.46 5.77 -18.59
CA LEU B 699 -11.51 6.57 -19.37
C LEU B 699 -10.07 6.23 -18.99
N GLY B 700 -9.82 6.02 -17.70
CA GLY B 700 -8.53 5.49 -17.29
C GLY B 700 -8.23 4.16 -17.95
N ILE B 701 -9.25 3.29 -18.04
CA ILE B 701 -9.08 2.01 -18.72
C ILE B 701 -8.75 2.21 -20.18
N SER B 702 -9.44 3.16 -20.83
CA SER B 702 -9.24 3.39 -22.25
C SER B 702 -7.82 3.87 -22.54
N ILE B 703 -7.34 4.84 -21.76
CA ILE B 703 -5.97 5.31 -21.99
C ILE B 703 -4.96 4.22 -21.64
N PHE B 704 -5.20 3.48 -20.55
CA PHE B 704 -4.26 2.45 -20.14
C PHE B 704 -4.13 1.36 -21.19
N THR B 705 -5.25 0.95 -21.78
CA THR B 705 -5.21 -0.06 -22.83
C THR B 705 -4.78 0.50 -24.18
N SER B 706 -4.89 1.82 -24.37
CA SER B 706 -4.38 2.41 -25.61
C SER B 706 -2.87 2.45 -25.60
N PHE B 707 -2.27 2.86 -24.48
CA PHE B 707 -0.82 2.89 -24.33
C PHE B 707 -0.45 2.15 -23.04
N VAL B 708 0.02 0.91 -23.19
CA VAL B 708 0.30 0.03 -22.07
C VAL B 708 1.76 -0.39 -22.14
N GLY B 709 2.30 -0.79 -20.99
CA GLY B 709 3.66 -1.27 -20.90
C GLY B 709 4.67 -0.17 -20.65
N ILE B 710 4.95 0.63 -21.68
CA ILE B 710 5.95 1.68 -21.54
C ILE B 710 5.44 2.80 -20.64
N THR B 711 4.18 3.20 -20.81
CA THR B 711 3.62 4.34 -20.11
C THR B 711 2.51 3.86 -19.19
N LYS B 712 2.77 3.87 -17.88
CA LYS B 712 1.79 3.43 -16.90
C LYS B 712 1.60 4.45 -15.79
N ALA B 713 2.66 5.22 -15.49
CA ALA B 713 2.66 6.12 -14.33
C ALA B 713 2.16 7.53 -14.66
N ALA B 714 2.00 7.86 -15.94
CA ALA B 714 1.45 9.18 -16.28
C ALA B 714 0.04 9.40 -15.74
N PRO B 715 -0.89 8.45 -15.85
CA PRO B 715 -2.20 8.64 -15.20
C PRO B 715 -2.07 8.86 -13.71
N ILE B 716 -1.09 8.24 -13.06
CA ILE B 716 -0.91 8.42 -11.62
C ILE B 716 -0.42 9.82 -11.31
N LEU B 717 0.45 10.38 -12.15
CA LEU B 717 0.85 11.77 -11.98
C LEU B 717 -0.33 12.71 -12.15
N PHE B 718 -1.16 12.46 -13.18
CA PHE B 718 -2.39 13.24 -13.34
C PHE B 718 -3.27 13.11 -12.10
N ALA B 719 -3.35 11.91 -11.54
CA ALA B 719 -4.17 11.67 -10.36
C ALA B 719 -3.67 12.47 -9.17
N SER B 720 -2.36 12.43 -8.91
CA SER B 720 -1.81 13.17 -7.79
C SER B 720 -1.99 14.67 -7.97
N ALA B 721 -1.79 15.18 -9.19
CA ALA B 721 -2.00 16.60 -9.44
C ALA B 721 -3.46 16.99 -9.21
N ALA B 722 -4.40 16.17 -9.69
CA ALA B 722 -5.82 16.46 -9.48
C ALA B 722 -6.17 16.41 -8.00
N LEU B 723 -5.57 15.47 -7.26
CA LEU B 723 -5.83 15.38 -5.83
C LEU B 723 -5.34 16.63 -5.11
N ALA B 724 -4.14 17.11 -5.46
CA ALA B 724 -3.62 18.33 -4.86
C ALA B 724 -4.50 19.52 -5.19
N LEU B 725 -4.97 19.60 -6.44
CA LEU B 725 -5.79 20.75 -6.84
C LEU B 725 -7.17 20.69 -6.19
N GLY B 726 -7.72 19.49 -5.98
CA GLY B 726 -9.02 19.33 -5.38
C GLY B 726 -9.06 19.26 -3.88
N SER B 727 -7.90 19.17 -3.23
CA SER B 727 -7.85 19.24 -1.77
C SER B 727 -7.71 20.66 -1.26
N SER B 728 -7.64 21.65 -2.14
CA SER B 728 -7.44 23.04 -1.72
C SER B 728 -8.77 23.76 -1.50
N LEU B 729 -9.60 23.85 -2.55
CA LEU B 729 -10.83 24.62 -2.47
C LEU B 729 -12.09 23.78 -2.65
N ALA B 730 -11.97 22.47 -2.82
CA ALA B 730 -13.12 21.58 -2.98
C ALA B 730 -13.46 20.85 -1.69
N LEU B 731 -13.25 21.48 -0.53
CA LEU B 731 -13.63 20.92 0.75
C LEU B 731 -14.55 21.84 1.53
N LYS B 732 -15.09 22.87 0.89
CA LYS B 732 -16.06 23.79 1.51
C LYS B 732 -17.48 23.28 1.35
N LEU B 733 -17.70 22.03 1.74
CA LEU B 733 -18.99 21.37 1.52
C LEU B 733 -19.85 21.47 2.76
N PRO B 734 -21.07 22.03 2.67
CA PRO B 734 -22.04 22.14 3.77
C PRO B 734 -22.39 20.78 4.38
C10 VLX C . 10.12 2.05 15.76
C7 VLX C . 10.80 3.38 15.97
C5 VLX C . 8.38 9.06 17.33
C4 VLX C . 9.97 4.32 16.86
C3 VLX C . 11.05 6.34 17.88
C2 VLX C . 9.07 6.68 16.55
C1 VLX C . 10.34 5.81 16.66
C6 VLX C . 10.49 7.66 18.17
C11 VLX C . 8.92 11.06 15.83
C8 VLX C . 9.09 10.41 17.20
C9 VLX C . 7.21 9.09 16.36
N1 VLX C . 9.26 7.86 17.33
N2 VLX C . 7.29 8.64 14.98
O1 VLX C . 10.97 8.41 18.95
O2 VLX C . 6.20 9.53 16.76
C10 VLX D . -18.63 2.05 -8.16
C7 VLX D . -17.58 3.14 -8.05
C5 VLX D . -18.96 1.58 -2.13
C4 VLX D . -17.03 3.26 -6.61
C3 VLX D . -18.98 3.90 -5.21
C2 VLX D . -17.53 2.25 -4.25
C1 VLX D . -18.10 2.74 -5.62
C6 VLX D . -19.60 3.39 -4.00
C11 VLX D . -20.40 -0.38 -1.37
C8 VLX D . -19.43 0.14 -2.44
C9 VLX D . -17.79 1.58 -1.13
N1 VLX D . -18.69 2.36 -3.39
N2 VLX D . -16.78 0.54 -1.18
O1 VLX D . -20.65 3.76 -3.60
O2 VLX D . -17.74 2.41 -0.28
#